data_1YT5
#
_entry.id   1YT5
#
_cell.length_a   131.448
_cell.length_b   137.153
_cell.length_c   58.253
_cell.angle_alpha   90.00
_cell.angle_beta   90.00
_cell.angle_gamma   90.00
#
_symmetry.space_group_name_H-M   'P 21 21 2'
#
loop_
_entity.id
_entity.type
_entity.pdbx_description
1 polymer 'inorganic polyphosphate/ATP-NAD kinase'
2 non-polymer 'SULFATE ION'
3 water water
#
_entity_poly.entity_id   1
_entity_poly.type   'polypeptide(L)'
_entity_poly.pdbx_seq_one_letter_code
;MKIAILYREEREKEGEFLKEKISKEHEVIEFGEANAPGRVTADLIVVVGGDGTVLKAAKKAADGTPMVGFKAGRLGFLTS
YTLDEIDRFLEDLRNWNFREETRWFIQIESELGNHLALNDVTLERDLSGKMVEIEVEVEHHSSMWFFADGVVISTPTGST
AYSLSIGGPIIFPECEVLEISPIAPQFFLTRSVVIPSNFKVVVESQRDINMLVDGVLTGKTKRIEVKKSRRYVRILRPPE
YDYVTVIRDKLGYGRRIE
;
_entity_poly.pdbx_strand_id   A,B,C,D
#
# COMPACT_ATOMS: atom_id res chain seq x y z
N MET A 1 21.78 -9.90 -6.36
CA MET A 1 20.67 -9.14 -5.75
C MET A 1 21.03 -7.67 -5.53
N LYS A 2 20.04 -6.77 -5.71
CA LYS A 2 20.23 -5.32 -5.66
C LYS A 2 19.77 -4.72 -4.34
N ILE A 3 20.71 -4.09 -3.64
CA ILE A 3 20.53 -3.67 -2.24
C ILE A 3 20.92 -2.21 -2.05
N ALA A 4 20.03 -1.45 -1.42
CA ALA A 4 20.40 -0.13 -0.97
C ALA A 4 20.76 -0.20 0.50
N ILE A 5 21.68 0.66 0.93
CA ILE A 5 22.05 0.77 2.33
C ILE A 5 21.92 2.21 2.80
N LEU A 6 21.16 2.41 3.88
CA LEU A 6 20.94 3.71 4.49
C LEU A 6 21.40 3.73 5.93
N TYR A 7 22.14 4.76 6.33
CA TYR A 7 22.65 4.82 7.69
C TYR A 7 22.35 6.16 8.38
N ARG A 8 22.37 6.12 9.71
CA ARG A 8 22.19 7.24 10.63
C ARG A 8 23.44 8.10 10.60
N GLU A 9 23.29 9.37 11.01
CA GLU A 9 24.36 10.39 10.91
C GLU A 9 25.78 9.88 11.26
N GLU A 10 26.01 9.54 12.52
CA GLU A 10 27.37 9.24 12.95
C GLU A 10 27.72 7.75 12.82
N ARG A 11 27.00 7.04 11.97
CA ARG A 11 27.23 5.62 11.81
C ARG A 11 27.76 5.31 10.41
N GLU A 12 28.21 6.33 9.68
CA GLU A 12 28.65 6.09 8.29
C GLU A 12 29.69 4.95 8.18
N LYS A 13 30.72 4.99 9.02
CA LYS A 13 31.78 4.00 8.99
C LYS A 13 31.25 2.58 9.23
N GLU A 14 30.23 2.47 10.08
CA GLU A 14 29.51 1.22 10.27
C GLU A 14 28.84 0.77 8.98
N GLY A 15 28.20 1.73 8.30
CA GLY A 15 27.54 1.50 7.04
C GLY A 15 28.53 0.94 6.05
N GLU A 16 29.72 1.55 6.00
CA GLU A 16 30.83 1.09 5.14
C GLU A 16 31.33 -0.32 5.40
N PHE A 17 31.53 -0.66 6.67
CA PHE A 17 31.71 -2.06 7.03
C PHE A 17 30.64 -3.00 6.45
N LEU A 18 29.37 -2.67 6.62
CA LEU A 18 28.28 -3.54 6.15
C LEU A 18 28.30 -3.67 4.61
N LYS A 19 28.42 -2.53 3.93
CA LYS A 19 28.55 -2.46 2.48
C LYS A 19 29.62 -3.42 1.93
N GLU A 20 30.83 -3.37 2.48
CA GLU A 20 31.87 -4.29 2.02
C GLU A 20 31.52 -5.77 2.26
N LYS A 21 31.03 -6.13 3.43
CA LYS A 21 30.61 -7.52 3.65
C LYS A 21 29.52 -7.94 2.64
N ILE A 22 28.56 -7.05 2.36
CA ILE A 22 27.41 -7.42 1.56
C ILE A 22 27.79 -7.48 0.09
N SER A 23 28.78 -6.67 -0.26
CA SER A 23 29.31 -6.63 -1.64
C SER A 23 29.89 -7.93 -2.20
N LYS A 24 30.16 -8.92 -1.34
CA LYS A 24 30.77 -10.17 -1.78
C LYS A 24 29.80 -11.04 -2.56
N GLU A 25 28.52 -10.92 -2.22
CA GLU A 25 27.45 -11.73 -2.82
C GLU A 25 26.39 -10.92 -3.57
N HIS A 26 26.34 -9.61 -3.33
CA HIS A 26 25.29 -8.79 -3.90
C HIS A 26 25.79 -7.43 -4.40
N GLU A 27 25.00 -6.82 -5.28
CA GLU A 27 25.30 -5.47 -5.76
C GLU A 27 24.65 -4.43 -4.86
N VAL A 28 25.48 -3.55 -4.31
CA VAL A 28 24.96 -2.44 -3.51
C VAL A 28 24.75 -1.25 -4.43
N ILE A 29 23.49 -0.86 -4.59
CA ILE A 29 23.08 0.08 -5.64
C ILE A 29 23.05 1.53 -5.17
N GLU A 30 23.02 1.72 -3.85
CA GLU A 30 22.87 3.04 -3.26
C GLU A 30 23.40 2.93 -1.87
N PHE A 31 24.07 3.97 -1.44
CA PHE A 31 24.62 4.05 -0.10
C PHE A 31 24.50 5.51 0.33
N GLY A 32 23.73 5.76 1.38
CA GLY A 32 23.56 7.13 1.89
C GLY A 32 22.87 7.30 3.22
N GLU A 33 22.71 8.57 3.60
CA GLU A 33 22.17 8.97 4.89
C GLU A 33 20.65 8.78 4.86
N ALA A 34 20.12 8.14 5.90
CA ALA A 34 18.67 8.04 6.09
C ALA A 34 17.99 9.41 6.14
N ASN A 35 18.78 10.46 6.40
CA ASN A 35 18.39 11.87 6.30
C ASN A 35 18.10 12.36 4.88
N ALA A 36 19.06 12.26 3.98
CA ALA A 36 18.88 12.73 2.62
C ALA A 36 17.46 12.39 2.07
N PRO A 37 16.75 13.40 1.54
CA PRO A 37 15.47 13.17 0.86
C PRO A 37 15.67 12.39 -0.44
N GLY A 38 14.63 11.73 -0.96
CA GLY A 38 14.72 10.99 -2.20
C GLY A 38 14.21 9.55 -2.13
N ARG A 39 13.55 9.11 -3.20
CA ARG A 39 13.01 7.76 -3.29
C ARG A 39 14.14 6.75 -3.50
N VAL A 40 14.07 5.63 -2.78
CA VAL A 40 15.03 4.54 -2.89
C VAL A 40 14.35 3.28 -3.44
N THR A 41 14.84 2.78 -4.57
CA THR A 41 14.35 1.49 -5.10
C THR A 41 15.44 0.41 -5.19
N ALA A 42 15.11 -0.77 -4.67
CA ALA A 42 16.07 -1.85 -4.48
C ALA A 42 15.25 -3.09 -4.26
N ASP A 43 15.81 -4.28 -4.39
CA ASP A 43 15.09 -5.49 -3.97
C ASP A 43 15.07 -5.59 -2.42
N LEU A 44 15.82 -4.70 -1.75
CA LEU A 44 16.03 -4.75 -0.31
C LEU A 44 16.86 -3.56 0.17
N ILE A 45 16.40 -2.96 1.26
CA ILE A 45 17.06 -1.83 1.91
C ILE A 45 17.59 -2.30 3.27
N VAL A 46 18.90 -2.13 3.48
CA VAL A 46 19.55 -2.30 4.77
C VAL A 46 19.70 -0.95 5.46
N VAL A 47 19.24 -0.90 6.72
CA VAL A 47 19.28 0.32 7.53
C VAL A 47 20.18 0.14 8.72
N VAL A 48 21.16 1.03 8.84
CA VAL A 48 22.06 1.04 9.98
C VAL A 48 21.68 2.20 10.92
N GLY A 49 21.17 1.86 12.09
CA GLY A 49 20.71 2.83 13.08
C GLY A 49 19.71 2.17 14.04
N GLY A 50 18.59 2.82 14.30
CA GLY A 50 17.58 2.30 15.23
C GLY A 50 16.18 2.55 14.69
N ASP A 51 15.18 2.47 15.57
CA ASP A 51 13.79 2.62 15.17
C ASP A 51 13.59 3.97 14.50
N GLY A 52 14.19 5.00 15.08
CA GLY A 52 14.19 6.32 14.49
C GLY A 52 14.69 6.25 13.06
N THR A 53 15.87 5.65 12.84
CA THR A 53 16.45 5.53 11.50
C THR A 53 15.57 4.72 10.55
N VAL A 54 14.97 3.65 11.06
CA VAL A 54 14.21 2.77 10.20
C VAL A 54 12.98 3.54 9.73
N LEU A 55 12.36 4.24 10.70
CA LEU A 55 11.24 5.14 10.43
C LEU A 55 11.54 6.06 9.27
N LYS A 56 12.65 6.81 9.33
CA LYS A 56 13.03 7.71 8.23
C LYS A 56 13.30 6.98 6.91
N ALA A 57 13.80 5.75 6.99
CA ALA A 57 14.10 4.97 5.79
C ALA A 57 12.81 4.47 5.17
N ALA A 58 11.88 4.01 6.01
CA ALA A 58 10.54 3.58 5.59
C ALA A 58 9.78 4.61 4.77
N LYS A 59 10.00 5.88 5.06
CA LYS A 59 9.38 6.95 4.31
C LYS A 59 10.10 7.23 3.00
N LYS A 60 11.31 6.69 2.85
CA LYS A 60 12.07 6.88 1.60
C LYS A 60 11.82 5.77 0.59
N ALA A 61 11.45 4.59 1.11
CA ALA A 61 11.28 3.34 0.38
C ALA A 61 10.18 3.36 -0.68
N ALA A 62 10.50 2.90 -1.88
CA ALA A 62 9.48 2.52 -2.85
C ALA A 62 8.55 1.53 -2.16
N ASP A 63 7.28 1.93 -2.10
CA ASP A 63 6.16 1.12 -1.67
C ASP A 63 6.33 -0.35 -2.08
N GLY A 64 6.52 -1.21 -1.10
CA GLY A 64 6.83 -2.61 -1.35
C GLY A 64 8.16 -3.08 -0.73
N THR A 65 9.19 -2.21 -0.80
CA THR A 65 10.58 -2.59 -0.67
C THR A 65 10.90 -3.08 0.73
N PRO A 66 11.16 -4.38 0.87
CA PRO A 66 11.51 -4.96 2.18
C PRO A 66 12.72 -4.25 2.79
N MET A 67 12.73 -4.15 4.10
CA MET A 67 13.84 -3.57 4.79
C MET A 67 14.30 -4.38 5.99
N VAL A 68 15.53 -4.10 6.38
CA VAL A 68 16.22 -4.80 7.43
C VAL A 68 17.12 -3.82 8.19
N GLY A 69 17.02 -3.86 9.52
CA GLY A 69 17.77 -2.93 10.37
C GLY A 69 18.85 -3.60 11.23
N PHE A 70 20.02 -2.98 11.28
CA PHE A 70 21.11 -3.48 12.09
C PHE A 70 21.28 -2.57 13.31
N LYS A 71 21.15 -3.10 14.52
CA LYS A 71 21.05 -2.22 15.70
C LYS A 71 22.26 -1.32 15.85
N ALA A 72 22.11 -0.04 15.49
CA ALA A 72 23.17 0.97 15.63
C ALA A 72 22.54 2.16 16.27
N GLY A 73 22.68 2.06 17.55
CA GLY A 73 22.17 3.01 18.51
C GLY A 73 21.80 2.20 19.75
N ARG A 74 20.67 1.48 19.66
CA ARG A 74 20.13 0.67 20.75
C ARG A 74 19.12 -0.36 20.28
N LEU A 75 18.57 -0.98 21.29
CA LEU A 75 17.57 -1.95 21.04
C LEU A 75 16.23 -1.29 20.76
N GLY A 76 15.67 -1.69 19.61
CA GLY A 76 14.32 -1.34 19.24
C GLY A 76 13.52 -2.49 18.65
N PHE A 77 12.30 -2.17 18.21
CA PHE A 77 11.37 -3.14 17.70
C PHE A 77 11.51 -3.26 16.19
N LEU A 78 12.15 -2.28 15.55
CA LEU A 78 12.23 -2.30 14.10
C LEU A 78 13.58 -2.76 13.57
N THR A 79 14.50 -3.11 14.47
CA THR A 79 15.79 -3.71 14.08
C THR A 79 15.83 -5.23 14.18
N SER A 80 16.53 -5.87 13.26
CA SER A 80 16.39 -7.30 13.10
C SER A 80 17.63 -8.04 13.51
N TYR A 81 18.79 -7.39 13.39
CA TYR A 81 20.09 -8.02 13.58
C TYR A 81 21.06 -7.10 14.30
N THR A 82 21.94 -7.71 15.07
CA THR A 82 23.09 -7.03 15.62
C THR A 82 24.22 -7.18 14.60
N LEU A 83 25.24 -6.35 14.76
CA LEU A 83 26.40 -6.35 13.91
C LEU A 83 27.23 -7.66 13.99
N ASP A 84 27.32 -8.28 15.16
CA ASP A 84 28.02 -9.57 15.26
C ASP A 84 27.26 -10.73 14.60
N GLU A 85 26.05 -10.45 14.14
CA GLU A 85 25.25 -11.44 13.45
C GLU A 85 25.24 -11.26 11.95
N ILE A 86 26.16 -10.45 11.43
CA ILE A 86 26.16 -10.12 10.01
C ILE A 86 26.26 -11.35 9.11
N ASP A 87 27.09 -12.32 9.49
CA ASP A 87 27.22 -13.59 8.76
C ASP A 87 25.93 -14.40 8.78
N ARG A 88 25.22 -14.40 9.91
CA ARG A 88 23.87 -14.98 9.98
C ARG A 88 22.93 -14.31 8.95
N PHE A 89 22.89 -12.97 8.94
CA PHE A 89 22.16 -12.23 7.96
C PHE A 89 22.48 -12.67 6.51
N LEU A 90 23.76 -12.80 6.19
CA LEU A 90 24.18 -13.18 4.83
C LEU A 90 23.71 -14.57 4.45
N GLU A 91 23.75 -15.48 5.42
CA GLU A 91 23.18 -16.82 5.30
C GLU A 91 21.63 -16.82 5.14
N ASP A 92 20.91 -16.04 5.95
CA ASP A 92 19.45 -16.00 5.82
C ASP A 92 19.08 -15.43 4.46
N LEU A 93 19.82 -14.39 4.07
CA LEU A 93 19.61 -13.67 2.83
C LEU A 93 19.79 -14.58 1.61
N ARG A 94 20.94 -15.25 1.55
CA ARG A 94 21.23 -16.28 0.56
C ARG A 94 19.99 -17.09 0.15
N ASN A 95 19.25 -17.59 1.13
CA ASN A 95 18.06 -18.43 0.91
C ASN A 95 16.72 -17.73 1.07
N TRP A 96 16.77 -16.39 1.18
CA TRP A 96 15.64 -15.59 1.62
C TRP A 96 14.81 -16.25 2.78
N ASN A 97 15.49 -16.55 3.88
CA ASN A 97 14.88 -17.23 5.02
C ASN A 97 14.54 -16.23 6.10
N PHE A 98 13.38 -15.60 5.99
CA PHE A 98 12.94 -14.55 6.87
C PHE A 98 11.45 -14.71 7.10
N ARG A 99 10.98 -14.33 8.30
CA ARG A 99 9.58 -13.92 8.44
C ARG A 99 9.46 -12.45 7.99
N GLU A 100 8.51 -12.14 7.12
CA GLU A 100 8.22 -10.77 6.74
C GLU A 100 7.01 -10.23 7.52
N GLU A 101 7.22 -9.10 8.20
CA GLU A 101 6.14 -8.36 8.86
C GLU A 101 5.67 -7.27 7.91
N THR A 102 4.37 -7.01 7.89
CA THR A 102 3.84 -5.81 7.26
C THR A 102 3.57 -4.82 8.39
N ARG A 103 4.15 -3.62 8.32
CA ARG A 103 3.76 -2.49 9.16
C ARG A 103 3.12 -1.43 8.28
N TRP A 104 1.89 -1.06 8.59
CA TRP A 104 1.17 -0.14 7.74
C TRP A 104 1.20 1.26 8.34
N PHE A 105 1.17 2.25 7.48
CA PHE A 105 1.14 3.62 7.96
C PHE A 105 -0.31 3.99 8.31
N ILE A 106 -0.43 5.11 9.01
CA ILE A 106 -1.66 5.87 9.02
C ILE A 106 -1.55 7.15 8.18
N GLN A 107 -2.70 7.63 7.70
CA GLN A 107 -2.75 8.80 6.83
C GLN A 107 -3.45 9.83 7.65
N ILE A 108 -2.92 11.03 7.70
CA ILE A 108 -3.50 12.09 8.50
C ILE A 108 -3.82 13.18 7.52
N GLU A 109 -5.04 13.70 7.63
CA GLU A 109 -5.50 14.77 6.79
C GLU A 109 -5.95 15.93 7.71
N SER A 110 -5.51 17.14 7.37
CA SER A 110 -5.90 18.37 8.06
C SER A 110 -5.61 19.59 7.20
N GLU A 111 -5.81 20.78 7.78
CA GLU A 111 -5.44 22.06 7.13
C GLU A 111 -3.94 22.14 6.85
N LEU A 112 -3.15 21.32 7.52
CA LEU A 112 -1.71 21.31 7.22
C LEU A 112 -1.36 20.44 6.02
N GLY A 113 -2.35 19.76 5.41
CA GLY A 113 -2.10 18.89 4.27
C GLY A 113 -2.33 17.41 4.54
N ASN A 114 -1.51 16.56 3.94
CA ASN A 114 -1.64 15.11 4.17
C ASN A 114 -0.34 14.55 4.69
N HIS A 115 -0.36 13.98 5.88
CA HIS A 115 0.83 13.43 6.48
C HIS A 115 0.70 11.92 6.58
N LEU A 116 1.82 11.25 6.75
CA LEU A 116 1.89 9.79 6.92
C LEU A 116 2.66 9.46 8.20
N ALA A 117 2.18 8.52 9.00
CA ALA A 117 2.85 8.22 10.25
C ALA A 117 2.96 6.71 10.38
N LEU A 118 4.11 6.24 10.82
CA LEU A 118 4.22 4.82 11.08
C LEU A 118 3.92 4.53 12.55
N ASN A 119 4.25 5.47 13.44
CA ASN A 119 3.93 5.24 14.85
C ASN A 119 2.61 5.80 15.28
N ASP A 120 2.51 7.13 15.27
CA ASP A 120 1.37 7.82 15.84
C ASP A 120 1.31 9.25 15.43
N VAL A 121 0.16 9.86 15.70
CA VAL A 121 -0.07 11.27 15.56
C VAL A 121 -0.68 11.78 16.88
N THR A 122 -0.30 13.01 17.21
CA THR A 122 -0.53 13.65 18.51
C THR A 122 -1.08 15.06 18.34
N LEU A 123 -2.16 15.36 19.02
CA LEU A 123 -2.57 16.73 19.15
C LEU A 123 -2.33 17.07 20.62
N GLU A 124 -1.56 18.15 20.87
CA GLU A 124 -1.35 18.64 22.22
C GLU A 124 -1.18 20.14 22.41
N ARG A 125 -1.84 20.62 23.45
CA ARG A 125 -1.76 21.98 23.94
C ARG A 125 -0.32 22.52 24.02
N ASP A 126 -0.17 23.84 23.98
CA ASP A 126 1.12 24.41 24.38
C ASP A 126 1.36 24.13 25.86
N LEU A 127 2.63 23.99 26.24
CA LEU A 127 3.05 24.15 27.65
C LEU A 127 2.38 25.34 28.39
N SER A 128 2.31 26.51 27.77
CA SER A 128 1.60 27.68 28.33
C SER A 128 0.08 27.64 28.18
N GLY A 129 -0.43 26.59 27.53
CA GLY A 129 -1.85 26.52 27.28
C GLY A 129 -2.62 25.85 28.41
N LYS A 130 -3.86 26.30 28.58
CA LYS A 130 -4.88 25.68 29.39
C LYS A 130 -5.26 24.31 28.76
N MET A 131 -5.89 23.44 29.52
CA MET A 131 -6.35 22.19 28.94
C MET A 131 -7.39 22.49 27.85
N VAL A 132 -7.73 21.49 27.03
CA VAL A 132 -8.62 21.67 25.87
C VAL A 132 -9.74 20.62 25.80
N GLU A 133 -10.91 21.08 25.35
CA GLU A 133 -11.98 20.19 24.96
C GLU A 133 -11.66 19.54 23.61
N ILE A 134 -11.62 18.21 23.60
CA ILE A 134 -11.27 17.41 22.46
C ILE A 134 -12.40 16.45 22.20
N GLU A 135 -12.84 16.44 20.94
CA GLU A 135 -13.91 15.56 20.47
C GLU A 135 -13.34 14.50 19.57
N VAL A 136 -13.53 13.23 19.96
CA VAL A 136 -13.10 12.06 19.19
C VAL A 136 -14.29 11.29 18.56
N GLU A 137 -14.37 11.33 17.23
CA GLU A 137 -15.52 10.76 16.53
C GLU A 137 -15.05 9.55 15.69
N VAL A 138 -15.38 8.36 16.17
CA VAL A 138 -15.00 7.15 15.48
C VAL A 138 -16.06 6.78 14.46
N GLU A 139 -15.63 6.34 13.24
CA GLU A 139 -16.54 5.93 12.17
C GLU A 139 -17.84 6.75 12.19
N HIS A 140 -19.01 6.08 12.16
CA HIS A 140 -20.30 6.79 12.19
C HIS A 140 -20.81 6.94 13.59
N HIS A 141 -20.02 6.66 14.59
CA HIS A 141 -20.56 6.73 15.92
C HIS A 141 -20.66 8.12 16.50
N SER A 142 -21.59 8.28 17.44
CA SER A 142 -21.58 9.46 18.29
C SER A 142 -20.17 9.62 18.90
N SER A 143 -19.94 10.79 19.49
CA SER A 143 -18.62 11.21 19.89
C SER A 143 -18.21 10.84 21.32
N MET A 144 -16.90 10.69 21.54
CA MET A 144 -16.33 10.71 22.90
C MET A 144 -15.66 12.07 23.13
N TRP A 145 -15.78 12.58 24.34
CA TRP A 145 -15.32 13.94 24.69
C TRP A 145 -14.36 13.86 25.86
N PHE A 146 -13.34 14.71 25.79
CA PHE A 146 -12.27 14.75 26.78
C PHE A 146 -11.92 16.21 26.99
N PHE A 147 -11.67 16.54 28.24
CA PHE A 147 -11.01 17.77 28.62
C PHE A 147 -9.60 17.34 29.04
N ALA A 148 -8.60 17.70 28.26
CA ALA A 148 -7.30 17.05 28.37
C ALA A 148 -6.21 17.96 27.83
N ASP A 149 -4.96 17.51 27.91
CA ASP A 149 -3.81 18.15 27.32
C ASP A 149 -3.82 17.93 25.82
N GLY A 150 -4.33 16.77 25.40
CA GLY A 150 -4.29 16.30 24.03
C GLY A 150 -4.82 14.85 23.82
N VAL A 151 -4.46 14.26 22.68
CA VAL A 151 -4.81 12.88 22.35
C VAL A 151 -3.73 12.33 21.40
N VAL A 152 -3.36 11.05 21.54
CA VAL A 152 -2.44 10.37 20.63
C VAL A 152 -3.23 9.27 19.94
N ILE A 153 -3.09 9.16 18.62
CA ILE A 153 -3.69 8.08 17.83
C ILE A 153 -2.57 7.21 17.29
N SER A 154 -2.60 5.95 17.68
CA SER A 154 -1.45 5.09 17.46
C SER A 154 -1.78 3.85 16.64
N THR A 155 -0.75 3.35 15.98
CA THR A 155 -0.69 2.16 15.22
C THR A 155 -0.13 1.10 16.18
N PRO A 156 -0.18 -0.21 15.87
CA PRO A 156 0.38 -1.26 16.76
C PRO A 156 1.89 -1.04 17.02
N THR A 157 2.57 -0.65 15.95
CA THR A 157 3.98 -0.29 15.93
C THR A 157 4.21 0.79 16.98
N GLY A 158 3.51 1.91 16.85
CA GLY A 158 3.62 2.98 17.83
C GLY A 158 3.05 2.75 19.23
N SER A 159 2.39 1.61 19.48
CA SER A 159 1.79 1.34 20.82
C SER A 159 2.86 1.28 21.91
N THR A 160 4.07 0.90 21.54
CA THR A 160 5.12 0.74 22.55
C THR A 160 5.91 2.03 22.74
N ALA A 161 5.49 3.07 22.04
CA ALA A 161 6.17 4.36 22.14
C ALA A 161 5.23 5.39 22.81
N TYR A 162 5.48 6.67 22.90
CA TYR A 162 4.64 7.55 23.76
C TYR A 162 3.30 7.03 24.37
N SER A 163 2.44 6.35 23.60
CA SER A 163 1.18 5.80 24.14
C SER A 163 1.31 4.87 25.33
N LEU A 164 2.32 4.02 25.31
CA LEU A 164 2.68 3.20 26.45
C LEU A 164 3.06 4.04 27.71
N SER A 165 3.79 5.12 27.53
CA SER A 165 4.16 6.01 28.65
C SER A 165 2.93 6.61 29.37
N ILE A 166 1.83 6.80 28.64
CA ILE A 166 0.62 7.33 29.27
C ILE A 166 -0.47 6.31 29.64
N GLY A 167 -0.16 4.99 29.59
CA GLY A 167 -1.09 3.96 30.06
C GLY A 167 -1.73 3.01 29.04
N GLY A 168 -1.36 3.17 27.77
CA GLY A 168 -1.94 2.34 26.79
C GLY A 168 -1.46 0.91 26.91
N PRO A 169 -2.16 0.01 26.23
CA PRO A 169 -1.76 -1.39 26.22
C PRO A 169 -0.52 -1.64 25.32
N ILE A 170 0.14 -2.77 25.55
CA ILE A 170 1.09 -3.31 24.59
C ILE A 170 0.28 -4.02 23.51
N ILE A 171 0.38 -3.52 22.28
CA ILE A 171 -0.34 -4.12 21.18
C ILE A 171 0.61 -4.88 20.30
N PHE A 172 0.37 -6.16 20.07
CA PHE A 172 1.24 -6.97 19.20
C PHE A 172 1.14 -6.41 17.78
N PRO A 173 2.25 -6.37 17.06
CA PRO A 173 2.27 -5.66 15.75
C PRO A 173 1.38 -6.26 14.66
N GLU A 174 0.95 -7.51 14.82
CA GLU A 174 0.01 -8.10 13.87
C GLU A 174 -1.48 -7.68 14.10
N CYS A 175 -1.79 -6.98 15.19
CA CYS A 175 -3.20 -6.72 15.44
C CYS A 175 -3.75 -5.76 14.40
N GLU A 176 -5.00 -5.91 14.02
CA GLU A 176 -5.59 -5.02 13.04
C GLU A 176 -6.42 -3.97 13.72
N VAL A 177 -5.75 -3.09 14.46
CA VAL A 177 -6.44 -2.09 15.26
C VAL A 177 -5.70 -0.75 15.24
N LEU A 178 -6.42 0.32 15.60
CA LEU A 178 -5.86 1.61 15.97
C LEU A 178 -6.10 1.84 17.47
N GLU A 179 -5.41 2.82 18.03
CA GLU A 179 -5.38 3.00 19.47
C GLU A 179 -5.53 4.47 19.65
N ILE A 180 -6.44 4.85 20.55
CA ILE A 180 -6.70 6.25 20.85
C ILE A 180 -6.48 6.43 22.35
N SER A 181 -5.69 7.45 22.70
CA SER A 181 -5.23 7.65 24.06
C SER A 181 -5.25 9.13 24.41
N PRO A 182 -6.19 9.55 25.25
CA PRO A 182 -6.18 10.91 25.76
C PRO A 182 -4.95 11.24 26.61
N ILE A 183 -4.40 12.47 26.49
CA ILE A 183 -3.23 12.83 27.30
C ILE A 183 -3.69 13.67 28.48
N ALA A 184 -3.44 13.13 29.68
CA ALA A 184 -3.78 13.79 30.95
C ALA A 184 -5.22 14.30 31.03
N PRO A 185 -6.22 13.46 30.80
CA PRO A 185 -7.61 13.97 30.80
C PRO A 185 -8.13 14.25 32.24
N GLN A 186 -9.16 15.09 32.40
CA GLN A 186 -9.85 15.14 33.70
C GLN A 186 -10.87 13.98 33.82
N PHE A 187 -11.41 13.78 35.01
CA PHE A 187 -12.38 12.72 35.27
C PHE A 187 -11.75 11.35 35.06
N PHE A 188 -10.43 11.29 35.28
CA PHE A 188 -9.72 10.02 35.40
C PHE A 188 -9.86 9.13 34.16
N LEU A 189 -10.12 9.72 32.99
CA LEU A 189 -10.33 8.96 31.75
C LEU A 189 -9.02 8.48 31.11
N THR A 190 -8.08 8.06 31.93
CA THR A 190 -6.80 7.62 31.44
C THR A 190 -6.94 6.15 31.03
N ARG A 191 -7.73 5.88 29.98
CA ARG A 191 -7.76 4.56 29.37
C ARG A 191 -7.75 4.77 27.88
N SER A 192 -7.14 3.85 27.17
CA SER A 192 -7.08 3.94 25.75
C SER A 192 -8.29 3.21 25.19
N VAL A 193 -8.62 3.54 23.94
CA VAL A 193 -9.64 2.87 23.22
C VAL A 193 -9.02 2.21 22.00
N VAL A 194 -9.33 0.93 21.78
CA VAL A 194 -8.85 0.14 20.66
C VAL A 194 -10.00 -0.09 19.64
N ILE A 195 -9.78 0.31 18.41
CA ILE A 195 -10.82 0.19 17.37
C ILE A 195 -10.25 -0.66 16.24
N PRO A 196 -11.10 -1.24 15.37
CA PRO A 196 -10.59 -1.92 14.17
C PRO A 196 -9.85 -0.95 13.23
N SER A 197 -8.83 -1.44 12.57
CA SER A 197 -7.99 -0.62 11.72
C SER A 197 -8.70 -0.15 10.45
N ASN A 198 -9.91 -0.64 10.21
CA ASN A 198 -10.69 -0.21 9.04
C ASN A 198 -11.66 0.94 9.37
N PHE A 199 -11.64 1.40 10.63
CA PHE A 199 -12.43 2.56 11.06
C PHE A 199 -11.57 3.83 11.00
N LYS A 200 -12.15 4.91 10.52
CA LYS A 200 -11.46 6.18 10.54
C LYS A 200 -11.80 6.99 11.82
N VAL A 201 -11.01 8.02 12.07
CA VAL A 201 -11.14 8.75 13.32
C VAL A 201 -10.96 10.20 13.00
N VAL A 202 -11.93 11.02 13.40
CA VAL A 202 -11.85 12.46 13.29
C VAL A 202 -11.59 12.98 14.68
N VAL A 203 -10.69 13.95 14.81
CA VAL A 203 -10.39 14.53 16.10
C VAL A 203 -10.58 16.03 15.91
N GLU A 204 -11.35 16.65 16.79
CA GLU A 204 -11.56 18.10 16.77
C GLU A 204 -11.27 18.68 18.15
N SER A 205 -10.65 19.86 18.18
CA SER A 205 -10.42 20.53 19.46
C SER A 205 -11.09 21.88 19.38
N GLN A 206 -11.44 22.40 20.56
CA GLN A 206 -12.12 23.68 20.71
C GLN A 206 -11.30 24.87 20.17
N ARG A 207 -9.98 24.79 20.27
CA ARG A 207 -9.05 25.78 19.76
C ARG A 207 -7.93 25.02 19.07
N ASP A 208 -7.15 25.71 18.24
CA ASP A 208 -6.00 25.13 17.55
C ASP A 208 -5.02 24.64 18.58
N ILE A 209 -4.45 23.46 18.38
CA ILE A 209 -3.34 22.98 19.22
C ILE A 209 -2.28 22.37 18.33
N ASN A 210 -1.15 21.96 18.92
CA ASN A 210 -0.04 21.41 18.15
C ASN A 210 -0.30 19.99 17.68
N MET A 211 0.08 19.75 16.41
CA MET A 211 0.07 18.42 15.81
C MET A 211 1.51 17.93 15.69
N LEU A 212 1.79 16.73 16.19
CA LEU A 212 3.10 16.06 16.01
C LEU A 212 2.89 14.79 15.21
N VAL A 213 3.71 14.55 14.20
CA VAL A 213 3.53 13.35 13.38
C VAL A 213 4.76 12.53 13.62
N ASP A 214 4.62 11.30 14.13
CA ASP A 214 5.81 10.54 14.58
C ASP A 214 6.80 11.35 15.43
N GLY A 215 6.30 12.29 16.21
CA GLY A 215 7.10 13.07 17.13
C GLY A 215 7.72 14.36 16.59
N VAL A 216 7.38 14.76 15.36
CA VAL A 216 7.91 15.97 14.76
C VAL A 216 6.83 17.05 14.82
N LEU A 217 7.11 18.20 15.41
CA LEU A 217 6.12 19.30 15.36
C LEU A 217 5.80 19.58 13.87
N THR A 218 4.55 19.92 13.55
CA THR A 218 4.22 20.17 12.16
C THR A 218 3.27 21.34 11.94
N GLY A 219 2.80 21.97 13.03
CA GLY A 219 1.81 23.05 12.93
C GLY A 219 0.65 22.93 13.91
N LYS A 220 -0.24 23.91 13.92
CA LYS A 220 -1.40 23.95 14.80
C LYS A 220 -2.69 23.70 13.99
N THR A 221 -3.62 22.92 14.57
CA THR A 221 -4.94 22.59 14.00
C THR A 221 -6.01 22.40 15.06
N LYS A 222 -7.24 22.59 14.60
CA LYS A 222 -8.45 22.29 15.31
C LYS A 222 -9.06 20.94 14.87
N ARG A 223 -8.52 20.30 13.85
CA ARG A 223 -9.21 19.15 13.24
C ARG A 223 -8.31 18.28 12.37
N ILE A 224 -8.35 16.97 12.61
CA ILE A 224 -7.65 15.99 11.80
C ILE A 224 -8.56 14.78 11.52
N GLU A 225 -8.26 14.08 10.43
CA GLU A 225 -8.92 12.85 10.06
C GLU A 225 -7.86 11.82 9.83
N VAL A 226 -7.97 10.70 10.53
CA VAL A 226 -6.96 9.67 10.49
C VAL A 226 -7.52 8.34 10.00
N LYS A 227 -6.81 7.70 9.11
CA LYS A 227 -7.13 6.31 8.79
C LYS A 227 -5.91 5.51 8.42
N LYS A 228 -6.10 4.20 8.33
CA LYS A 228 -5.06 3.30 7.86
C LYS A 228 -4.81 3.59 6.37
N SER A 229 -3.53 3.63 6.00
CA SER A 229 -3.10 3.86 4.63
C SER A 229 -2.96 2.48 3.98
N ARG A 230 -2.76 2.43 2.68
CA ARG A 230 -2.38 1.18 2.02
C ARG A 230 -0.86 1.11 1.81
N ARG A 231 -0.20 2.24 2.08
CA ARG A 231 1.24 2.29 2.16
C ARG A 231 1.70 1.57 3.42
N TYR A 232 2.79 0.85 3.27
CA TYR A 232 3.24 0.02 4.34
C TYR A 232 4.67 -0.26 4.11
N VAL A 233 5.37 -0.58 5.16
CA VAL A 233 6.74 -1.01 5.00
C VAL A 233 6.78 -2.50 5.33
N ARG A 234 7.70 -3.23 4.69
CA ARG A 234 7.95 -4.63 4.97
C ARG A 234 9.23 -4.80 5.73
N ILE A 235 9.18 -5.45 6.89
CA ILE A 235 10.35 -5.64 7.75
C ILE A 235 10.77 -7.11 7.76
N LEU A 236 11.99 -7.39 7.32
CA LEU A 236 12.50 -8.75 7.33
C LEU A 236 13.02 -9.09 8.71
N ARG A 237 12.64 -10.29 9.17
CA ARG A 237 13.06 -10.81 10.48
C ARG A 237 13.81 -12.13 10.34
N PRO A 238 14.82 -12.39 11.15
CA PRO A 238 15.42 -13.72 11.15
C PRO A 238 14.34 -14.72 11.67
N PRO A 239 14.44 -15.99 11.30
CA PRO A 239 13.36 -16.93 11.63
C PRO A 239 13.17 -17.06 13.14
N GLU A 240 14.24 -16.98 13.92
CA GLU A 240 14.11 -17.02 15.37
C GLU A 240 13.52 -15.75 15.99
N TYR A 241 13.44 -14.66 15.25
CA TYR A 241 13.06 -13.39 15.86
C TYR A 241 11.86 -13.53 16.79
N ASP A 242 11.97 -12.92 17.95
CA ASP A 242 10.91 -13.00 18.97
C ASP A 242 10.68 -11.62 19.58
N TYR A 243 9.58 -11.02 19.15
CA TYR A 243 9.08 -9.75 19.63
C TYR A 243 8.93 -9.69 21.17
N VAL A 244 8.50 -10.80 21.77
CA VAL A 244 8.34 -10.90 23.22
C VAL A 244 9.66 -10.80 23.99
N THR A 245 10.78 -11.23 23.38
CA THR A 245 12.11 -10.97 23.95
C THR A 245 12.40 -9.49 23.99
N VAL A 246 11.88 -8.75 23.03
CA VAL A 246 12.08 -7.30 23.03
C VAL A 246 11.18 -6.60 24.08
N ILE A 247 9.93 -7.04 24.24
CA ILE A 247 9.03 -6.50 25.28
C ILE A 247 9.68 -6.63 26.66
N ARG A 248 10.27 -7.78 26.93
CA ARG A 248 11.04 -7.99 28.16
C ARG A 248 12.29 -7.10 28.25
N ASP A 249 13.24 -7.31 27.33
CA ASP A 249 14.52 -6.60 27.37
C ASP A 249 14.34 -5.09 27.32
N LYS A 250 13.59 -4.61 26.34
CA LYS A 250 13.48 -3.15 26.16
C LYS A 250 12.38 -2.40 26.98
N LEU A 251 11.19 -2.99 27.11
CA LEU A 251 10.12 -2.27 27.82
C LEU A 251 10.16 -2.59 29.31
N GLY A 252 10.82 -3.69 29.67
CA GLY A 252 10.86 -4.16 31.04
C GLY A 252 9.55 -4.78 31.50
N TYR A 253 8.80 -5.38 30.58
CA TYR A 253 7.47 -5.89 30.90
C TYR A 253 7.48 -7.40 30.85
N GLY A 254 7.12 -8.05 31.95
CA GLY A 254 7.10 -9.49 31.96
C GLY A 254 8.42 -10.18 32.25
N ARG A 255 9.39 -9.50 32.89
CA ARG A 255 10.65 -10.19 33.30
C ARG A 255 10.43 -11.17 34.43
N ARG A 256 11.14 -12.30 34.41
CA ARG A 256 11.01 -13.25 35.50
C ARG A 256 11.63 -12.76 36.81
N MET B 1 23.84 -39.54 -59.49
CA MET B 1 22.58 -38.76 -59.43
C MET B 1 22.85 -37.24 -59.43
N LYS B 2 21.87 -36.48 -59.93
CA LYS B 2 21.91 -35.01 -59.90
C LYS B 2 21.25 -34.50 -58.63
N ILE B 3 22.03 -33.91 -57.73
CA ILE B 3 21.50 -33.50 -56.43
C ILE B 3 21.63 -32.00 -56.21
N ALA B 4 20.55 -31.38 -55.77
CA ALA B 4 20.58 -30.00 -55.33
C ALA B 4 20.67 -29.96 -53.80
N ILE B 5 21.49 -29.07 -53.31
CA ILE B 5 21.66 -28.91 -51.87
C ILE B 5 21.30 -27.48 -51.50
N LEU B 6 20.28 -27.34 -50.66
CA LEU B 6 19.78 -26.04 -50.22
C LEU B 6 19.98 -25.89 -48.74
N TYR B 7 20.46 -24.73 -48.31
CA TYR B 7 20.66 -24.50 -46.88
C TYR B 7 19.98 -23.23 -46.33
N ARG B 8 19.65 -23.31 -45.05
CA ARG B 8 19.32 -22.16 -44.24
C ARG B 8 20.54 -21.21 -44.08
N GLU B 9 20.27 -19.90 -44.13
CA GLU B 9 21.27 -18.80 -44.05
C GLU B 9 22.41 -19.01 -43.05
N GLU B 10 22.06 -19.17 -41.78
CA GLU B 10 23.06 -19.35 -40.71
C GLU B 10 23.75 -20.72 -40.82
N ARG B 11 23.60 -21.41 -41.95
CA ARG B 11 23.99 -22.83 -42.03
C ARG B 11 24.78 -23.22 -43.27
N GLU B 12 25.40 -22.22 -43.89
CA GLU B 12 26.31 -22.45 -45.02
C GLU B 12 27.41 -23.52 -44.77
N LYS B 13 28.14 -23.39 -43.66
CA LYS B 13 29.11 -24.42 -43.22
C LYS B 13 28.55 -25.85 -43.33
N GLU B 14 27.39 -26.09 -42.73
CA GLU B 14 26.76 -27.40 -42.75
C GLU B 14 26.45 -27.86 -44.17
N GLY B 15 25.96 -26.94 -44.99
CA GLY B 15 25.75 -27.18 -46.39
C GLY B 15 27.05 -27.62 -47.03
N GLU B 16 28.14 -26.93 -46.72
CA GLU B 16 29.44 -27.30 -47.31
C GLU B 16 29.93 -28.69 -46.89
N PHE B 17 29.67 -29.05 -45.64
CA PHE B 17 29.91 -30.40 -45.15
C PHE B 17 29.17 -31.45 -46.00
N LEU B 18 27.88 -31.24 -46.17
CA LEU B 18 27.07 -32.14 -46.97
C LEU B 18 27.50 -32.13 -48.44
N LYS B 19 28.03 -31.03 -48.93
CA LYS B 19 28.47 -31.06 -50.31
C LYS B 19 29.76 -31.93 -50.47
N GLU B 20 30.71 -31.82 -49.54
CA GLU B 20 31.88 -32.66 -49.56
C GLU B 20 31.49 -34.16 -49.54
N LYS B 21 30.68 -34.57 -48.56
CA LYS B 21 30.24 -35.96 -48.44
C LYS B 21 29.58 -36.47 -49.71
N ILE B 22 28.57 -35.74 -50.20
CA ILE B 22 27.77 -36.14 -51.36
C ILE B 22 28.53 -36.10 -52.69
N SER B 23 29.38 -35.10 -52.87
CA SER B 23 30.24 -35.03 -54.05
C SER B 23 31.07 -36.29 -54.29
N LYS B 24 31.36 -37.05 -53.24
CA LYS B 24 32.21 -38.24 -53.36
C LYS B 24 31.59 -39.24 -54.32
N GLU B 25 30.25 -39.40 -54.25
CA GLU B 25 29.53 -40.38 -55.07
C GLU B 25 28.51 -39.82 -56.04
N HIS B 26 28.16 -38.55 -55.90
CA HIS B 26 27.08 -37.98 -56.69
C HIS B 26 27.47 -36.61 -57.24
N GLU B 27 26.74 -36.16 -58.27
CA GLU B 27 26.94 -34.84 -58.82
C GLU B 27 26.05 -33.84 -58.09
N VAL B 28 26.66 -32.81 -57.52
CA VAL B 28 25.94 -31.70 -56.91
C VAL B 28 25.76 -30.63 -57.98
N ILE B 29 24.51 -30.34 -58.34
CA ILE B 29 24.22 -29.50 -59.50
C ILE B 29 23.85 -28.07 -59.07
N GLU B 30 23.39 -27.96 -57.84
CA GLU B 30 22.95 -26.69 -57.29
C GLU B 30 23.39 -26.61 -55.83
N PHE B 31 23.82 -25.43 -55.41
CA PHE B 31 24.21 -25.22 -54.02
C PHE B 31 23.94 -23.78 -53.60
N GLY B 32 22.97 -23.57 -52.72
CA GLY B 32 22.57 -22.22 -52.33
C GLY B 32 21.45 -22.12 -51.31
N GLU B 33 21.05 -20.88 -51.06
CA GLU B 33 20.08 -20.57 -50.01
C GLU B 33 18.66 -21.08 -50.32
N ALA B 34 18.06 -21.73 -49.34
CA ALA B 34 16.70 -22.23 -49.46
C ALA B 34 15.74 -21.03 -49.58
N ASN B 35 16.11 -19.93 -48.94
CA ASN B 35 15.48 -18.61 -49.06
C ASN B 35 15.43 -18.07 -50.49
N ALA B 36 16.50 -18.25 -51.27
CA ALA B 36 16.59 -17.72 -52.64
C ALA B 36 15.42 -18.12 -53.53
N PRO B 37 14.90 -17.17 -54.30
CA PRO B 37 13.82 -17.45 -55.27
C PRO B 37 14.27 -18.40 -56.38
N GLY B 38 13.30 -18.97 -57.11
CA GLY B 38 13.57 -19.79 -58.29
C GLY B 38 13.26 -21.26 -58.11
N ARG B 39 12.52 -21.83 -59.05
CA ARG B 39 12.30 -23.29 -59.10
C ARG B 39 13.60 -24.10 -59.09
N VAL B 40 13.57 -25.28 -58.49
CA VAL B 40 14.70 -26.18 -58.38
C VAL B 40 14.40 -27.57 -58.96
N THR B 41 15.15 -27.96 -60.00
CA THR B 41 15.04 -29.28 -60.64
C THR B 41 16.20 -30.19 -60.22
N ALA B 42 15.88 -31.40 -59.81
CA ALA B 42 16.91 -32.41 -59.56
C ALA B 42 16.28 -33.79 -59.45
N ASP B 43 17.12 -34.79 -59.35
CA ASP B 43 16.62 -36.10 -59.04
C ASP B 43 16.43 -36.17 -57.53
N LEU B 44 17.15 -35.32 -56.80
CA LEU B 44 16.98 -35.25 -55.36
C LEU B 44 17.43 -33.91 -54.82
N ILE B 45 16.71 -33.39 -53.83
CA ILE B 45 17.05 -32.13 -53.18
C ILE B 45 17.38 -32.46 -51.74
N VAL B 46 18.45 -31.89 -51.23
CA VAL B 46 18.84 -32.15 -49.86
C VAL B 46 18.75 -30.80 -49.20
N VAL B 47 18.05 -30.74 -48.10
CA VAL B 47 17.96 -29.52 -47.34
C VAL B 47 18.63 -29.66 -45.97
N VAL B 48 19.38 -28.63 -45.59
CA VAL B 48 19.84 -28.47 -44.21
C VAL B 48 19.23 -27.27 -43.50
N GLY B 49 18.73 -27.50 -42.31
CA GLY B 49 18.10 -26.47 -41.53
C GLY B 49 17.07 -27.15 -40.68
N GLY B 50 15.93 -26.54 -40.49
CA GLY B 50 14.89 -27.25 -39.75
C GLY B 50 13.65 -27.34 -40.61
N ASP B 51 12.51 -27.52 -39.95
CA ASP B 51 11.25 -27.66 -40.67
C ASP B 51 10.93 -26.39 -41.44
N GLY B 52 11.25 -25.24 -40.87
CA GLY B 52 11.15 -23.99 -41.62
C GLY B 52 11.91 -23.99 -42.95
N THR B 53 13.12 -24.55 -42.99
CA THR B 53 13.90 -24.62 -44.23
C THR B 53 13.32 -25.61 -45.24
N VAL B 54 12.85 -26.76 -44.74
CA VAL B 54 12.22 -27.77 -45.61
C VAL B 54 10.93 -27.21 -46.26
N LEU B 55 10.19 -26.43 -45.48
CA LEU B 55 9.02 -25.76 -45.98
C LEU B 55 9.37 -24.87 -47.17
N LYS B 56 10.39 -24.04 -47.05
CA LYS B 56 10.75 -23.18 -48.17
C LYS B 56 11.32 -23.98 -49.34
N ALA B 57 12.12 -25.01 -49.08
CA ALA B 57 12.63 -25.83 -50.17
C ALA B 57 11.49 -26.48 -50.96
N ALA B 58 10.46 -26.93 -50.24
CA ALA B 58 9.28 -27.61 -50.77
C ALA B 58 8.52 -26.75 -51.73
N LYS B 59 8.50 -25.44 -51.47
CA LYS B 59 7.88 -24.50 -52.43
C LYS B 59 8.72 -24.41 -53.72
N LYS B 60 10.05 -24.54 -53.63
CA LYS B 60 10.90 -24.39 -54.82
C LYS B 60 11.00 -25.62 -55.68
N ALA B 61 10.64 -26.72 -55.11
CA ALA B 61 10.75 -27.98 -55.74
C ALA B 61 9.86 -28.17 -56.91
N ALA B 62 10.51 -28.62 -57.93
CA ALA B 62 9.77 -28.99 -59.09
C ALA B 62 8.99 -30.22 -58.66
N ASP B 63 7.76 -30.27 -59.16
CA ASP B 63 6.84 -31.36 -58.93
C ASP B 63 7.45 -32.72 -59.18
N GLY B 64 7.27 -33.61 -58.21
CA GLY B 64 7.71 -35.00 -58.28
C GLY B 64 9.18 -35.18 -57.94
N THR B 65 9.82 -34.15 -57.37
CA THR B 65 11.24 -34.15 -56.97
C THR B 65 11.33 -34.48 -55.49
N PRO B 66 11.76 -35.70 -55.16
CA PRO B 66 11.89 -36.14 -53.79
C PRO B 66 12.81 -35.21 -53.02
N MET B 67 12.61 -35.11 -51.71
CA MET B 67 13.38 -34.19 -50.88
C MET B 67 13.79 -34.93 -49.62
N VAL B 68 14.92 -34.53 -49.05
CA VAL B 68 15.36 -35.05 -47.75
C VAL B 68 16.01 -33.95 -46.91
N GLY B 69 15.61 -33.81 -45.67
CA GLY B 69 16.19 -32.77 -44.83
C GLY B 69 17.07 -33.30 -43.72
N PHE B 70 18.12 -32.54 -43.45
CA PHE B 70 19.04 -32.80 -42.34
C PHE B 70 18.93 -31.71 -41.28
N LYS B 71 18.95 -32.11 -40.01
CA LYS B 71 19.04 -31.16 -38.89
C LYS B 71 20.31 -31.36 -38.12
N ALA B 72 20.94 -30.26 -37.72
CA ALA B 72 22.03 -30.33 -36.74
C ALA B 72 21.52 -30.91 -35.44
N GLY B 73 20.50 -30.28 -34.85
CA GLY B 73 20.02 -30.66 -33.53
C GLY B 73 19.08 -31.86 -33.40
N ARG B 74 17.96 -31.65 -32.74
CA ARG B 74 16.97 -32.70 -32.56
C ARG B 74 16.16 -32.85 -33.86
N LEU B 75 16.12 -34.07 -34.40
CA LEU B 75 15.24 -34.46 -35.51
C LEU B 75 13.86 -33.77 -35.41
N GLY B 76 13.33 -33.25 -36.51
CA GLY B 76 12.03 -32.59 -36.52
C GLY B 76 11.01 -33.41 -37.27
N PHE B 77 9.86 -32.82 -37.60
CA PHE B 77 8.86 -33.52 -38.40
C PHE B 77 9.18 -33.62 -39.88
N LEU B 78 9.90 -32.63 -40.42
CA LEU B 78 10.07 -32.56 -41.87
C LEU B 78 11.47 -32.99 -42.31
N THR B 79 12.39 -33.05 -41.34
CA THR B 79 13.71 -33.64 -41.54
C THR B 79 13.76 -35.20 -41.37
N SER B 80 14.68 -35.86 -42.06
CA SER B 80 14.76 -37.32 -42.00
C SER B 80 16.05 -37.86 -41.28
N TYR B 81 17.07 -37.02 -41.21
CA TYR B 81 18.35 -37.36 -40.62
C TYR B 81 18.89 -36.16 -39.82
N THR B 82 19.62 -36.46 -38.75
CA THR B 82 20.55 -35.47 -38.19
C THR B 82 21.81 -35.38 -39.07
N LEU B 83 22.56 -34.29 -38.96
CA LEU B 83 23.72 -34.06 -39.82
C LEU B 83 24.79 -35.13 -39.66
N ASP B 84 24.98 -35.57 -38.42
CA ASP B 84 25.92 -36.62 -38.11
C ASP B 84 25.52 -37.99 -38.72
N GLU B 85 24.30 -38.10 -39.23
CA GLU B 85 23.82 -39.36 -39.82
C GLU B 85 24.03 -39.43 -41.35
N ILE B 86 24.86 -38.54 -41.87
CA ILE B 86 25.04 -38.42 -43.33
C ILE B 86 25.46 -39.73 -43.98
N ASP B 87 26.39 -40.45 -43.37
CA ASP B 87 26.85 -41.72 -43.89
C ASP B 87 25.74 -42.77 -44.03
N ARG B 88 24.84 -42.83 -43.06
CA ARG B 88 23.68 -43.73 -43.19
C ARG B 88 22.79 -43.33 -44.35
N PHE B 89 22.59 -42.02 -44.50
CA PHE B 89 21.86 -41.48 -45.64
C PHE B 89 22.51 -41.96 -46.94
N LEU B 90 23.83 -41.77 -47.07
CA LEU B 90 24.55 -42.16 -48.29
C LEU B 90 24.41 -43.66 -48.56
N GLU B 91 24.51 -44.48 -47.50
CA GLU B 91 24.17 -45.91 -47.54
C GLU B 91 22.74 -46.17 -48.07
N ASP B 92 21.72 -45.49 -47.49
CA ASP B 92 20.32 -45.64 -47.99
C ASP B 92 20.10 -45.16 -49.44
N LEU B 93 20.70 -44.03 -49.81
CA LEU B 93 20.69 -43.50 -51.17
C LEU B 93 21.18 -44.53 -52.20
N ARG B 94 22.34 -45.16 -51.91
CA ARG B 94 22.95 -46.25 -52.68
C ARG B 94 21.96 -47.37 -53.00
N ASN B 95 21.32 -47.90 -51.95
CA ASN B 95 20.36 -49.01 -52.04
C ASN B 95 18.89 -48.53 -52.27
N TRP B 96 18.72 -47.23 -52.52
CA TRP B 96 17.40 -46.59 -52.47
C TRP B 96 16.57 -47.20 -51.37
N ASN B 97 17.07 -47.14 -50.15
CA ASN B 97 16.36 -47.73 -49.00
C ASN B 97 15.51 -46.69 -48.28
N PHE B 98 14.46 -46.23 -48.96
CA PHE B 98 13.60 -45.17 -48.44
C PHE B 98 12.11 -45.54 -48.37
N ARG B 99 11.45 -45.13 -47.29
CA ARG B 99 10.00 -44.97 -47.28
C ARG B 99 9.71 -43.59 -47.85
N GLU B 100 8.73 -43.52 -48.72
CA GLU B 100 8.41 -42.31 -49.46
C GLU B 100 7.06 -41.73 -49.09
N GLU B 101 7.01 -40.59 -48.41
CA GLU B 101 5.70 -39.96 -48.19
C GLU B 101 5.46 -38.66 -48.96
N THR B 102 4.19 -38.43 -49.29
CA THR B 102 3.75 -37.16 -49.87
C THR B 102 2.95 -36.32 -48.86
N ARG B 103 3.15 -35.01 -48.90
CA ARG B 103 2.33 -34.05 -48.15
C ARG B 103 1.77 -33.02 -49.11
N TRP B 104 0.47 -32.72 -48.99
CA TRP B 104 -0.14 -31.77 -49.90
C TRP B 104 -0.12 -30.37 -49.32
N PHE B 105 -0.12 -29.39 -50.19
CA PHE B 105 -0.29 -28.02 -49.75
C PHE B 105 -1.78 -27.67 -49.65
N ILE B 106 -2.09 -26.58 -48.96
CA ILE B 106 -3.38 -25.93 -49.14
C ILE B 106 -3.15 -24.69 -50.02
N GLN B 107 -4.20 -24.26 -50.71
CA GLN B 107 -4.11 -23.05 -51.48
C GLN B 107 -5.12 -22.11 -50.88
N ILE B 108 -4.81 -20.82 -50.96
CA ILE B 108 -5.60 -19.82 -50.27
C ILE B 108 -5.83 -18.72 -51.26
N GLU B 109 -7.09 -18.40 -51.47
CA GLU B 109 -7.53 -17.40 -52.39
C GLU B 109 -8.02 -16.22 -51.58
N SER B 110 -7.55 -15.03 -51.92
CA SER B 110 -8.02 -13.82 -51.28
C SER B 110 -7.72 -12.64 -52.17
N GLU B 111 -8.25 -11.49 -51.75
CA GLU B 111 -7.92 -10.21 -52.37
C GLU B 111 -6.40 -9.99 -52.49
N LEU B 112 -5.61 -10.74 -51.76
CA LEU B 112 -4.16 -10.60 -51.84
C LEU B 112 -3.55 -11.45 -52.94
N GLY B 113 -4.36 -12.31 -53.56
CA GLY B 113 -3.86 -13.23 -54.58
C GLY B 113 -4.02 -14.70 -54.22
N ASN B 114 -3.10 -15.52 -54.69
CA ASN B 114 -3.15 -16.95 -54.44
C ASN B 114 -1.86 -17.39 -53.81
N HIS B 115 -1.98 -17.91 -52.59
CA HIS B 115 -0.87 -18.34 -51.80
C HIS B 115 -0.96 -19.84 -51.58
N LEU B 116 0.18 -20.44 -51.26
CA LEU B 116 0.27 -21.86 -51.00
C LEU B 116 0.92 -22.05 -49.62
N ALA B 117 0.43 -23.00 -48.83
CA ALA B 117 0.97 -23.26 -47.49
C ALA B 117 1.07 -24.73 -47.25
N LEU B 118 2.15 -25.15 -46.59
CA LEU B 118 2.30 -26.55 -46.23
C LEU B 118 1.82 -26.76 -44.78
N ASN B 119 1.95 -25.72 -43.96
CA ASN B 119 1.50 -25.78 -42.59
C ASN B 119 0.07 -25.26 -42.40
N ASP B 120 -0.11 -23.97 -42.65
CA ASP B 120 -1.26 -23.23 -42.10
C ASP B 120 -1.36 -21.81 -42.65
N VAL B 121 -2.59 -21.29 -42.59
CA VAL B 121 -2.90 -19.91 -42.80
C VAL B 121 -3.61 -19.39 -41.51
N THR B 122 -3.21 -18.21 -41.06
CA THR B 122 -3.74 -17.59 -39.87
C THR B 122 -4.39 -16.26 -40.24
N LEU B 123 -5.60 -16.03 -39.75
CA LEU B 123 -6.17 -14.69 -39.79
C LEU B 123 -6.17 -14.22 -38.35
N GLU B 124 -5.70 -12.99 -38.14
CA GLU B 124 -5.60 -12.49 -36.78
C GLU B 124 -5.37 -10.99 -36.63
N ARG B 125 -6.00 -10.47 -35.60
CA ARG B 125 -6.03 -9.04 -35.34
C ARG B 125 -4.66 -8.49 -34.99
N ASP B 126 -4.48 -7.18 -35.13
CA ASP B 126 -3.26 -6.55 -34.61
C ASP B 126 -3.14 -6.75 -33.07
N LEU B 127 -1.91 -6.77 -32.55
CA LEU B 127 -1.68 -6.69 -31.08
C LEU B 127 -2.63 -5.78 -30.32
N SER B 128 -2.89 -4.59 -30.84
CA SER B 128 -3.74 -3.64 -30.13
C SER B 128 -5.12 -3.41 -30.77
N GLY B 129 -5.53 -4.31 -31.67
CA GLY B 129 -6.88 -4.29 -32.21
C GLY B 129 -7.83 -4.85 -31.17
N LYS B 130 -9.14 -4.63 -31.35
CA LYS B 130 -10.19 -5.29 -30.58
C LYS B 130 -10.35 -6.75 -31.10
N MET B 131 -11.16 -7.53 -30.40
CA MET B 131 -11.49 -8.85 -30.91
C MET B 131 -12.41 -8.65 -32.12
N VAL B 132 -12.55 -9.69 -32.94
CA VAL B 132 -13.28 -9.63 -34.21
C VAL B 132 -14.31 -10.75 -34.37
N GLU B 133 -15.50 -10.41 -34.85
CA GLU B 133 -16.43 -11.44 -35.30
C GLU B 133 -15.86 -12.25 -36.48
N ILE B 134 -15.73 -13.55 -36.27
CA ILE B 134 -15.22 -14.42 -37.36
C ILE B 134 -16.27 -15.42 -37.86
N GLU B 135 -16.47 -15.46 -39.18
CA GLU B 135 -17.45 -16.38 -39.79
C GLU B 135 -16.79 -17.51 -40.60
N VAL B 136 -17.11 -18.75 -40.23
CA VAL B 136 -16.48 -19.91 -40.84
C VAL B 136 -17.49 -20.81 -41.56
N GLU B 137 -17.49 -20.75 -42.89
CA GLU B 137 -18.38 -21.54 -43.71
C GLU B 137 -17.67 -22.77 -44.36
N VAL B 138 -18.00 -23.99 -43.84
CA VAL B 138 -17.41 -25.24 -44.35
C VAL B 138 -18.27 -25.88 -45.44
N GLU B 139 -17.78 -25.79 -46.66
CA GLU B 139 -18.52 -26.41 -47.73
C GLU B 139 -19.88 -25.79 -47.72
N HIS B 140 -20.80 -26.70 -47.83
CA HIS B 140 -22.23 -26.58 -47.81
C HIS B 140 -22.83 -25.65 -46.81
N HIS B 141 -22.70 -26.19 -45.61
CA HIS B 141 -23.15 -25.77 -44.31
C HIS B 141 -23.24 -24.33 -43.92
N SER B 142 -24.17 -24.18 -42.97
CA SER B 142 -24.42 -22.93 -42.29
C SER B 142 -23.12 -22.66 -41.55
N SER B 143 -22.97 -21.43 -41.10
CA SER B 143 -21.69 -21.05 -40.51
C SER B 143 -21.49 -21.24 -39.03
N MET B 144 -20.23 -21.44 -38.65
CA MET B 144 -19.85 -21.28 -37.25
C MET B 144 -19.30 -19.85 -37.04
N TRP B 145 -19.70 -19.24 -35.92
CA TRP B 145 -19.35 -17.85 -35.60
C TRP B 145 -18.52 -17.75 -34.33
N PHE B 146 -17.42 -17.00 -34.37
CA PHE B 146 -16.69 -16.67 -33.14
C PHE B 146 -16.48 -15.18 -32.99
N PHE B 147 -16.35 -14.76 -31.75
CA PHE B 147 -15.78 -13.48 -31.43
C PHE B 147 -14.45 -13.77 -30.75
N ALA B 148 -13.35 -13.49 -31.46
CA ALA B 148 -12.02 -14.03 -31.13
C ALA B 148 -10.93 -13.08 -31.61
N ASP B 149 -9.68 -13.48 -31.40
CA ASP B 149 -8.50 -12.78 -31.89
C ASP B 149 -8.25 -13.10 -33.39
N GLY B 150 -8.81 -14.22 -33.87
CA GLY B 150 -8.43 -14.81 -35.15
C GLY B 150 -8.84 -16.30 -35.26
N VAL B 151 -8.33 -16.95 -36.29
CA VAL B 151 -8.58 -18.37 -36.61
C VAL B 151 -7.36 -18.85 -37.38
N VAL B 152 -7.01 -20.11 -37.19
CA VAL B 152 -5.92 -20.76 -37.94
C VAL B 152 -6.51 -21.97 -38.64
N ILE B 153 -6.28 -22.10 -39.96
CA ILE B 153 -6.62 -23.29 -40.74
C ILE B 153 -5.32 -24.09 -41.04
N SER B 154 -5.30 -25.35 -40.66
CA SER B 154 -4.04 -26.09 -40.69
C SER B 154 -4.09 -27.43 -41.43
N THR B 155 -3.00 -27.77 -42.10
CA THR B 155 -2.88 -29.13 -42.59
C THR B 155 -2.52 -30.08 -41.44
N PRO B 156 -2.55 -31.38 -41.67
CA PRO B 156 -2.00 -32.33 -40.70
C PRO B 156 -0.52 -32.00 -40.33
N THR B 157 0.33 -31.68 -41.32
CA THR B 157 1.68 -31.13 -41.10
C THR B 157 1.72 -29.90 -40.13
N GLY B 158 0.82 -28.95 -40.33
CA GLY B 158 0.83 -27.78 -39.50
C GLY B 158 0.22 -28.03 -38.15
N SER B 159 -0.42 -29.17 -37.93
CA SER B 159 -1.12 -29.38 -36.67
C SER B 159 -0.21 -29.31 -35.47
N THR B 160 1.07 -29.60 -35.71
CA THR B 160 2.07 -29.57 -34.65
C THR B 160 2.80 -28.26 -34.56
N ALA B 161 2.29 -27.19 -35.19
CA ALA B 161 2.99 -25.92 -35.12
C ALA B 161 2.36 -24.94 -34.09
N TYR B 162 1.51 -24.07 -34.59
CA TYR B 162 0.80 -23.04 -33.80
C TYR B 162 -0.52 -23.55 -33.25
N SER B 163 -1.18 -24.34 -34.07
CA SER B 163 -2.49 -24.87 -33.72
C SER B 163 -2.34 -25.63 -32.40
N LEU B 164 -1.28 -26.39 -32.28
CA LEU B 164 -0.99 -27.17 -31.09
C LEU B 164 -0.81 -26.30 -29.83
N SER B 165 -0.16 -25.15 -30.00
CA SER B 165 0.01 -24.17 -28.91
C SER B 165 -1.33 -23.57 -28.36
N ILE B 166 -2.40 -23.61 -29.15
CA ILE B 166 -3.68 -22.99 -28.77
C ILE B 166 -4.77 -24.04 -28.41
N GLY B 167 -4.35 -25.30 -28.32
CA GLY B 167 -5.25 -26.37 -27.88
C GLY B 167 -5.75 -27.26 -28.98
N GLY B 168 -5.18 -27.14 -30.18
CA GLY B 168 -5.48 -28.08 -31.26
C GLY B 168 -4.97 -29.48 -30.94
N PRO B 169 -5.52 -30.50 -31.60
CA PRO B 169 -5.05 -31.87 -31.44
C PRO B 169 -3.75 -32.15 -32.21
N ILE B 170 -3.05 -33.19 -31.81
CA ILE B 170 -1.99 -33.75 -32.67
C ILE B 170 -2.60 -34.62 -33.79
N ILE B 171 -2.30 -34.30 -35.04
CA ILE B 171 -2.90 -35.01 -36.16
C ILE B 171 -1.80 -35.72 -36.94
N PHE B 172 -1.81 -37.05 -37.00
CA PHE B 172 -0.79 -37.82 -37.73
C PHE B 172 -0.78 -37.32 -39.19
N PRO B 173 0.39 -37.26 -39.81
CA PRO B 173 0.52 -36.61 -41.12
C PRO B 173 -0.22 -37.37 -42.24
N GLU B 174 -0.58 -38.64 -42.05
CA GLU B 174 -1.32 -39.35 -43.09
C GLU B 174 -2.84 -39.02 -43.14
N CYS B 175 -3.39 -38.42 -42.09
CA CYS B 175 -4.85 -38.15 -42.06
C CYS B 175 -5.31 -37.28 -43.21
N GLU B 176 -6.49 -37.58 -43.75
CA GLU B 176 -7.02 -36.74 -44.83
C GLU B 176 -7.99 -35.71 -44.28
N VAL B 177 -7.45 -34.74 -43.53
CA VAL B 177 -8.28 -33.77 -42.86
C VAL B 177 -7.63 -32.40 -42.86
N LEU B 178 -8.47 -31.39 -42.70
CA LEU B 178 -8.05 -30.05 -42.39
C LEU B 178 -8.48 -29.77 -40.98
N GLU B 179 -7.86 -28.76 -40.39
CA GLU B 179 -8.09 -28.37 -39.01
C GLU B 179 -8.36 -26.85 -38.94
N ILE B 180 -9.39 -26.49 -38.18
CA ILE B 180 -9.83 -25.11 -37.95
C ILE B 180 -9.81 -24.86 -36.44
N SER B 181 -9.07 -23.83 -36.03
CA SER B 181 -8.82 -23.51 -34.63
C SER B 181 -9.04 -22.00 -34.33
N PRO B 182 -10.09 -21.62 -33.60
CA PRO B 182 -10.22 -20.23 -33.12
C PRO B 182 -9.06 -19.86 -32.16
N ILE B 183 -8.54 -18.63 -32.28
CA ILE B 183 -7.49 -18.17 -31.41
C ILE B 183 -8.15 -17.29 -30.36
N ALA B 184 -8.03 -17.69 -29.10
CA ALA B 184 -8.59 -16.99 -27.93
C ALA B 184 -10.04 -16.55 -28.08
N PRO B 185 -10.95 -17.47 -28.43
CA PRO B 185 -12.35 -17.07 -28.61
C PRO B 185 -12.95 -16.78 -27.24
N GLN B 186 -14.05 -16.04 -27.22
CA GLN B 186 -14.92 -15.93 -26.05
C GLN B 186 -15.93 -17.10 -25.97
N PHE B 187 -16.59 -17.20 -24.83
CA PHE B 187 -17.42 -18.35 -24.50
C PHE B 187 -16.66 -19.69 -24.52
N PHE B 188 -15.35 -19.66 -24.27
CA PHE B 188 -14.58 -20.90 -23.98
C PHE B 188 -14.52 -21.92 -25.12
N LEU B 189 -14.77 -21.44 -26.33
CA LEU B 189 -14.80 -22.28 -27.52
C LEU B 189 -13.40 -22.67 -27.98
N THR B 190 -12.53 -22.93 -27.01
CA THR B 190 -11.15 -23.29 -27.30
C THR B 190 -11.08 -24.79 -27.69
N ARG B 191 -11.62 -25.09 -28.86
CA ARG B 191 -11.63 -26.44 -29.42
C ARG B 191 -11.51 -26.29 -30.92
N SER B 192 -10.88 -27.24 -31.54
CA SER B 192 -10.68 -27.19 -32.96
C SER B 192 -11.79 -27.98 -33.64
N VAL B 193 -11.91 -27.80 -34.96
CA VAL B 193 -12.85 -28.56 -35.77
C VAL B 193 -12.07 -29.25 -36.86
N VAL B 194 -12.23 -30.56 -36.98
CA VAL B 194 -11.55 -31.37 -37.98
C VAL B 194 -12.56 -31.78 -39.06
N ILE B 195 -12.25 -31.49 -40.32
CA ILE B 195 -13.14 -31.73 -41.46
C ILE B 195 -12.34 -32.54 -42.50
N PRO B 196 -12.97 -33.27 -43.40
CA PRO B 196 -12.23 -34.01 -44.46
C PRO B 196 -11.46 -33.03 -45.38
N SER B 197 -10.37 -33.50 -45.95
CA SER B 197 -9.45 -32.68 -46.70
C SER B 197 -9.97 -32.28 -48.09
N ASN B 198 -11.03 -32.94 -48.57
CA ASN B 198 -11.68 -32.52 -49.82
C ASN B 198 -12.77 -31.46 -49.62
N PHE B 199 -12.90 -30.91 -48.41
CA PHE B 199 -13.87 -29.86 -48.12
C PHE B 199 -13.20 -28.48 -48.17
N LYS B 200 -13.85 -27.52 -48.81
CA LYS B 200 -13.39 -26.12 -48.81
C LYS B 200 -13.91 -25.35 -47.58
N VAL B 201 -13.14 -24.36 -47.13
CA VAL B 201 -13.55 -23.49 -46.03
C VAL B 201 -13.52 -22.03 -46.45
N VAL B 202 -14.62 -21.30 -46.23
CA VAL B 202 -14.61 -19.83 -46.35
C VAL B 202 -14.53 -19.14 -44.97
N VAL B 203 -13.60 -18.21 -44.82
CA VAL B 203 -13.49 -17.49 -43.54
C VAL B 203 -13.68 -16.04 -43.85
N GLU B 204 -14.57 -15.39 -43.07
CA GLU B 204 -14.86 -13.95 -43.23
C GLU B 204 -14.79 -13.21 -41.90
N SER B 205 -14.15 -12.05 -41.90
CA SER B 205 -14.12 -11.22 -40.69
C SER B 205 -14.99 -9.96 -40.79
N GLN B 206 -15.42 -9.46 -39.63
CA GLN B 206 -16.07 -8.15 -39.46
C GLN B 206 -15.30 -7.07 -40.23
N ARG B 207 -13.97 -7.03 -40.05
CA ARG B 207 -13.09 -5.99 -40.63
C ARG B 207 -11.76 -6.65 -41.11
N ASP B 208 -10.97 -5.95 -41.95
CA ASP B 208 -9.64 -6.42 -42.40
C ASP B 208 -8.80 -6.82 -41.18
N ILE B 209 -8.21 -8.01 -41.20
CA ILE B 209 -7.21 -8.36 -40.19
C ILE B 209 -6.03 -8.98 -40.93
N ASN B 210 -5.00 -9.40 -40.20
CA ASN B 210 -3.79 -9.88 -40.83
C ASN B 210 -3.87 -11.33 -41.26
N MET B 211 -3.25 -11.61 -42.41
CA MET B 211 -3.12 -12.95 -42.93
C MET B 211 -1.68 -13.35 -42.81
N LEU B 212 -1.41 -14.43 -42.09
CA LEU B 212 -0.08 -15.04 -42.12
C LEU B 212 -0.14 -16.39 -42.87
N VAL B 213 0.81 -16.61 -43.77
CA VAL B 213 0.84 -17.83 -44.55
C VAL B 213 2.09 -18.57 -44.15
N ASP B 214 1.91 -19.80 -43.63
CA ASP B 214 3.01 -20.51 -42.96
C ASP B 214 3.81 -19.64 -41.95
N GLY B 215 3.13 -18.72 -41.27
CA GLY B 215 3.79 -17.83 -40.32
C GLY B 215 4.54 -16.64 -40.89
N VAL B 216 4.38 -16.36 -42.20
CA VAL B 216 4.97 -15.23 -42.86
C VAL B 216 3.86 -14.21 -43.05
N LEU B 217 3.99 -13.03 -42.49
CA LEU B 217 3.00 -12.00 -42.68
C LEU B 217 2.87 -11.65 -44.17
N THR B 218 1.65 -11.36 -44.60
CA THR B 218 1.33 -11.49 -46.02
C THR B 218 0.41 -10.39 -46.49
N GLY B 219 -0.16 -9.62 -45.56
CA GLY B 219 -1.09 -8.53 -45.87
C GLY B 219 -2.36 -8.59 -45.08
N LYS B 220 -3.33 -7.75 -45.37
CA LYS B 220 -4.61 -7.75 -44.64
C LYS B 220 -5.84 -8.16 -45.48
N THR B 221 -6.70 -9.01 -44.91
CA THR B 221 -7.97 -9.46 -45.56
C THR B 221 -9.15 -9.56 -44.64
N LYS B 222 -10.32 -9.57 -45.26
CA LYS B 222 -11.63 -9.76 -44.68
C LYS B 222 -12.24 -11.11 -45.15
N ARG B 223 -11.58 -11.82 -46.06
CA ARG B 223 -12.16 -13.04 -46.62
C ARG B 223 -11.08 -13.89 -47.28
N ILE B 224 -11.01 -15.16 -46.88
CA ILE B 224 -10.14 -16.14 -47.55
C ILE B 224 -10.93 -17.40 -47.92
N GLU B 225 -10.53 -18.09 -48.99
CA GLU B 225 -11.10 -19.42 -49.29
C GLU B 225 -9.93 -20.40 -49.34
N VAL B 226 -10.08 -21.52 -48.65
CA VAL B 226 -8.99 -22.44 -48.44
C VAL B 226 -9.40 -23.83 -48.90
N LYS B 227 -8.57 -24.50 -49.68
CA LYS B 227 -8.78 -25.90 -50.02
C LYS B 227 -7.43 -26.62 -50.22
N LYS B 228 -7.48 -27.94 -50.22
CA LYS B 228 -6.37 -28.79 -50.50
C LYS B 228 -5.92 -28.49 -51.93
N SER B 229 -4.64 -28.28 -52.13
CA SER B 229 -4.13 -28.01 -53.45
C SER B 229 -3.72 -29.31 -54.14
N ARG B 230 -3.48 -29.23 -55.44
CA ARG B 230 -2.99 -30.35 -56.25
C ARG B 230 -1.49 -30.59 -56.00
N ARG B 231 -0.82 -29.51 -55.64
CA ARG B 231 0.57 -29.51 -55.28
C ARG B 231 0.88 -30.29 -54.00
N TYR B 232 2.02 -30.98 -54.02
CA TYR B 232 2.47 -31.80 -52.90
C TYR B 232 4.01 -31.88 -52.87
N VAL B 233 4.55 -32.23 -51.70
CA VAL B 233 5.99 -32.46 -51.55
C VAL B 233 6.24 -33.95 -51.29
N ARG B 234 7.28 -34.51 -51.89
CA ARG B 234 7.65 -35.92 -51.67
C ARG B 234 8.86 -35.94 -50.75
N ILE B 235 8.73 -36.56 -49.59
CA ILE B 235 9.79 -36.59 -48.62
C ILE B 235 10.26 -38.02 -48.39
N LEU B 236 11.58 -38.23 -48.43
CA LEU B 236 12.17 -39.56 -48.29
C LEU B 236 12.57 -39.81 -46.83
N ARG B 237 12.13 -40.95 -46.30
CA ARG B 237 12.46 -41.38 -44.95
C ARG B 237 13.26 -42.68 -44.95
N PRO B 238 14.21 -42.81 -44.03
CA PRO B 238 14.78 -44.12 -43.66
C PRO B 238 13.65 -45.01 -43.14
N PRO B 239 13.67 -46.33 -43.36
CA PRO B 239 12.63 -47.22 -42.79
C PRO B 239 12.49 -47.13 -41.26
N GLU B 240 13.57 -46.84 -40.54
CA GLU B 240 13.47 -46.69 -39.09
C GLU B 240 12.79 -45.38 -38.62
N TYR B 241 12.72 -44.35 -39.46
CA TYR B 241 12.15 -43.07 -39.04
C TYR B 241 10.77 -43.28 -38.42
N ASP B 242 10.59 -42.78 -37.21
CA ASP B 242 9.35 -42.90 -36.49
C ASP B 242 8.94 -41.52 -36.01
N TYR B 243 7.77 -41.10 -36.49
CA TYR B 243 7.21 -39.80 -36.20
C TYR B 243 6.76 -39.67 -34.71
N VAL B 244 6.33 -40.78 -34.11
CA VAL B 244 5.98 -40.82 -32.71
C VAL B 244 7.16 -40.57 -31.72
N THR B 245 8.35 -41.06 -32.04
CA THR B 245 9.56 -40.69 -31.32
C THR B 245 9.80 -39.18 -31.34
N VAL B 246 9.48 -38.51 -32.46
CA VAL B 246 9.61 -37.07 -32.55
C VAL B 246 8.52 -36.34 -31.76
N ILE B 247 7.30 -36.86 -31.74
CA ILE B 247 6.23 -36.35 -30.89
C ILE B 247 6.68 -36.41 -29.41
N ARG B 248 7.36 -37.49 -29.02
CA ARG B 248 7.85 -37.58 -27.64
C ARG B 248 9.05 -36.65 -27.41
N ASP B 249 10.03 -36.74 -28.32
CA ASP B 249 11.30 -36.03 -28.13
C ASP B 249 11.13 -34.52 -28.29
N LYS B 250 10.42 -34.08 -29.32
CA LYS B 250 10.36 -32.66 -29.68
C LYS B 250 9.14 -31.90 -29.13
N LEU B 251 7.99 -32.56 -29.07
CA LEU B 251 6.79 -31.91 -28.50
C LEU B 251 6.60 -32.19 -27.03
N GLY B 252 7.28 -33.18 -26.48
CA GLY B 252 7.07 -33.52 -25.09
C GLY B 252 5.75 -34.23 -24.78
N TYR B 253 5.14 -34.81 -25.80
CA TYR B 253 3.87 -35.50 -25.58
C TYR B 253 4.07 -37.02 -25.54
N GLY B 254 3.60 -37.63 -24.45
CA GLY B 254 3.63 -39.08 -24.33
C GLY B 254 4.98 -39.66 -23.91
N ARG B 255 5.87 -38.82 -23.37
CA ARG B 255 7.10 -39.29 -22.72
C ARG B 255 6.80 -40.18 -21.52
N ARG B 256 7.49 -41.30 -21.41
CA ARG B 256 7.23 -42.23 -20.29
C ARG B 256 7.58 -41.66 -18.89
N MET C 1 -23.85 16.78 -2.61
CA MET C 1 -22.53 16.10 -2.67
C MET C 1 -21.75 16.49 -3.92
N LYS C 2 -20.42 16.41 -3.81
CA LYS C 2 -19.53 16.92 -4.86
C LYS C 2 -19.29 15.85 -5.95
N ILE C 3 -19.91 16.01 -7.13
CA ILE C 3 -19.95 14.94 -8.14
C ILE C 3 -19.32 15.28 -9.52
N ALA C 4 -18.54 14.34 -10.07
CA ALA C 4 -17.96 14.48 -11.41
C ALA C 4 -18.53 13.48 -12.41
N ILE C 5 -18.56 13.87 -13.68
CA ILE C 5 -19.16 13.03 -14.70
C ILE C 5 -18.24 12.89 -15.91
N LEU C 6 -17.91 11.64 -16.25
CA LEU C 6 -17.10 11.38 -17.42
C LEU C 6 -17.84 10.45 -18.41
N TYR C 7 -17.61 10.67 -19.72
CA TYR C 7 -18.23 9.87 -20.79
C TYR C 7 -17.23 9.38 -21.83
N ARG C 8 -17.56 8.25 -22.47
CA ARG C 8 -16.83 7.76 -23.65
C ARG C 8 -16.97 8.76 -24.83
N GLU C 9 -15.95 8.84 -25.68
CA GLU C 9 -15.85 9.87 -26.74
C GLU C 9 -16.88 9.77 -27.86
N GLU C 10 -17.40 8.56 -28.08
CA GLU C 10 -18.57 8.36 -28.95
C GLU C 10 -19.78 9.05 -28.33
N ARG C 11 -19.80 9.06 -26.99
CA ARG C 11 -20.99 9.35 -26.22
C ARG C 11 -21.05 10.79 -25.78
N GLU C 12 -22.25 11.35 -25.72
CA GLU C 12 -22.46 12.70 -25.22
C GLU C 12 -23.78 12.79 -24.43
N LYS C 13 -24.89 12.42 -25.09
CA LYS C 13 -26.22 12.62 -24.52
C LYS C 13 -26.48 11.77 -23.29
N GLU C 14 -25.79 10.63 -23.26
CA GLU C 14 -25.66 9.77 -22.09
C GLU C 14 -25.29 10.64 -20.90
N GLY C 15 -24.18 11.36 -21.07
CA GLY C 15 -23.67 12.26 -20.06
C GLY C 15 -24.65 13.34 -19.69
N GLU C 16 -24.91 14.23 -20.65
CA GLU C 16 -25.77 15.41 -20.45
C GLU C 16 -27.05 15.11 -19.67
N PHE C 17 -27.65 13.96 -19.95
CA PHE C 17 -28.93 13.63 -19.35
C PHE C 17 -28.81 13.15 -17.91
N LEU C 18 -27.83 12.28 -17.65
CA LEU C 18 -27.40 11.97 -16.28
C LEU C 18 -26.96 13.25 -15.57
N LYS C 19 -26.39 14.18 -16.33
CA LYS C 19 -26.14 15.53 -15.84
C LYS C 19 -27.44 16.28 -15.50
N GLU C 20 -28.50 16.09 -16.30
CA GLU C 20 -29.79 16.71 -15.95
C GLU C 20 -30.33 16.09 -14.68
N LYS C 21 -30.33 14.75 -14.63
CA LYS C 21 -30.91 14.02 -13.52
C LYS C 21 -30.19 14.28 -12.19
N ILE C 22 -28.89 13.94 -12.13
CA ILE C 22 -28.06 14.05 -10.92
C ILE C 22 -28.07 15.47 -10.30
N SER C 23 -27.94 16.50 -11.15
CA SER C 23 -27.86 17.87 -10.66
C SER C 23 -29.21 18.40 -10.12
N LYS C 24 -30.21 17.52 -10.05
CA LYS C 24 -31.51 17.84 -9.45
C LYS C 24 -31.41 18.05 -7.93
N GLU C 25 -30.37 17.49 -7.31
CA GLU C 25 -30.18 17.61 -5.86
C GLU C 25 -28.74 18.02 -5.51
N HIS C 26 -27.81 17.09 -5.73
CA HIS C 26 -26.38 17.34 -5.54
C HIS C 26 -25.87 18.23 -6.70
N GLU C 27 -24.61 18.65 -6.62
CA GLU C 27 -24.00 19.49 -7.67
C GLU C 27 -22.89 18.80 -8.48
N VAL C 28 -22.88 19.10 -9.78
CA VAL C 28 -21.93 18.58 -10.75
C VAL C 28 -20.80 19.59 -11.05
N ILE C 29 -19.64 19.31 -10.49
CA ILE C 29 -18.48 20.19 -10.60
C ILE C 29 -17.75 20.07 -11.95
N GLU C 30 -17.65 18.84 -12.48
CA GLU C 30 -17.10 18.68 -13.84
C GLU C 30 -17.80 17.63 -14.73
N PHE C 31 -17.52 17.70 -16.03
CA PHE C 31 -18.19 16.93 -17.07
C PHE C 31 -17.37 16.98 -18.35
N GLY C 32 -16.97 15.82 -18.87
CA GLY C 32 -16.19 15.73 -20.09
C GLY C 32 -15.73 14.31 -20.41
N GLU C 33 -15.07 14.14 -21.55
CA GLU C 33 -14.64 12.79 -21.99
C GLU C 33 -13.64 12.10 -21.05
N ALA C 34 -13.96 10.84 -20.70
CA ALA C 34 -13.11 10.03 -19.85
C ALA C 34 -11.70 9.85 -20.42
N ASN C 35 -11.57 10.05 -21.73
CA ASN C 35 -10.27 9.98 -22.41
C ASN C 35 -9.62 11.34 -22.58
N ALA C 36 -9.61 12.12 -21.50
CA ALA C 36 -8.85 13.38 -21.39
C ALA C 36 -7.79 13.23 -20.30
N PRO C 37 -6.72 14.03 -20.36
CA PRO C 37 -5.73 14.03 -19.29
C PRO C 37 -6.16 15.00 -18.16
N GLY C 38 -5.63 14.77 -16.96
CA GLY C 38 -5.93 15.61 -15.82
C GLY C 38 -6.64 14.88 -14.68
N ARG C 39 -6.16 15.15 -13.46
CA ARG C 39 -6.77 14.67 -12.22
C ARG C 39 -8.24 15.07 -12.08
N VAL C 40 -9.04 14.15 -11.56
CA VAL C 40 -10.43 14.39 -11.25
C VAL C 40 -10.64 14.19 -9.74
N THR C 41 -11.09 15.26 -9.06
CA THR C 41 -11.36 15.22 -7.64
C THR C 41 -12.87 15.45 -7.40
N ALA C 42 -13.48 14.65 -6.57
CA ALA C 42 -14.88 14.82 -6.22
C ALA C 42 -15.18 13.89 -5.07
N ASP C 43 -16.35 14.07 -4.46
CA ASP C 43 -16.84 13.13 -3.46
C ASP C 43 -17.25 11.80 -4.11
N LEU C 44 -17.57 11.86 -5.40
CA LEU C 44 -17.94 10.69 -6.19
C LEU C 44 -17.86 10.97 -7.69
N ILE C 45 -17.34 9.99 -8.43
CA ILE C 45 -17.17 10.09 -9.87
C ILE C 45 -18.21 9.18 -10.55
N VAL C 46 -18.86 9.70 -11.58
CA VAL C 46 -19.90 8.94 -12.29
C VAL C 46 -19.45 8.76 -13.73
N VAL C 47 -19.38 7.50 -14.13
CA VAL C 47 -18.93 7.10 -15.46
C VAL C 47 -20.09 6.55 -16.30
N VAL C 48 -20.18 7.00 -17.55
CA VAL C 48 -21.12 6.45 -18.50
C VAL C 48 -20.33 5.83 -19.65
N GLY C 49 -20.43 4.52 -19.76
CA GLY C 49 -19.72 3.79 -20.80
C GLY C 49 -19.51 2.35 -20.39
N GLY C 50 -18.50 1.71 -20.96
CA GLY C 50 -18.19 0.34 -20.62
C GLY C 50 -17.19 0.16 -19.48
N ASP C 51 -16.79 -1.10 -19.27
CA ASP C 51 -15.73 -1.39 -18.34
C ASP C 51 -14.48 -0.58 -18.71
N GLY C 52 -14.26 -0.38 -20.01
CA GLY C 52 -13.06 0.24 -20.52
C GLY C 52 -13.06 1.74 -20.34
N THR C 53 -14.24 2.32 -20.27
CA THR C 53 -14.33 3.71 -19.89
C THR C 53 -14.07 3.87 -18.36
N VAL C 54 -14.66 3.00 -17.54
CA VAL C 54 -14.37 2.97 -16.09
C VAL C 54 -12.86 2.80 -15.82
N LEU C 55 -12.21 1.90 -16.54
CA LEU C 55 -10.77 1.81 -16.49
C LEU C 55 -10.13 3.19 -16.66
N LYS C 56 -10.46 3.88 -17.75
CA LYS C 56 -9.83 5.17 -18.06
C LYS C 56 -10.16 6.24 -17.02
N ALA C 57 -11.36 6.17 -16.46
CA ALA C 57 -11.73 7.10 -15.42
C ALA C 57 -10.94 6.82 -14.14
N ALA C 58 -10.80 5.54 -13.78
CA ALA C 58 -10.02 5.08 -12.64
C ALA C 58 -8.59 5.63 -12.62
N LYS C 59 -7.99 5.84 -13.78
CA LYS C 59 -6.60 6.33 -13.86
C LYS C 59 -6.57 7.82 -13.69
N LYS C 60 -7.72 8.46 -13.82
CA LYS C 60 -7.83 9.91 -13.71
C LYS C 60 -8.26 10.35 -12.33
N ALA C 61 -8.76 9.40 -11.54
CA ALA C 61 -9.33 9.70 -10.22
C ALA C 61 -8.27 9.92 -9.15
N ALA C 62 -8.44 10.95 -8.33
CA ALA C 62 -7.66 11.06 -7.08
C ALA C 62 -7.81 9.72 -6.35
N ASP C 63 -6.68 9.21 -5.86
CA ASP C 63 -6.61 7.95 -5.13
C ASP C 63 -7.73 7.67 -4.12
N GLY C 64 -8.31 6.48 -4.26
CA GLY C 64 -9.31 6.00 -3.32
C GLY C 64 -10.71 6.58 -3.49
N THR C 65 -10.91 7.42 -4.50
CA THR C 65 -12.19 8.09 -4.67
C THR C 65 -13.27 7.09 -5.15
N PRO C 66 -14.51 7.30 -4.67
CA PRO C 66 -15.63 6.38 -4.97
C PRO C 66 -16.15 6.61 -6.37
N MET C 67 -16.39 5.51 -7.08
CA MET C 67 -16.74 5.55 -8.49
C MET C 67 -17.93 4.67 -8.77
N VAL C 68 -18.70 5.05 -9.78
CA VAL C 68 -19.87 4.30 -10.25
C VAL C 68 -19.96 4.37 -11.77
N GLY C 69 -20.25 3.22 -12.37
CA GLY C 69 -20.42 3.13 -13.81
C GLY C 69 -21.88 2.91 -14.18
N PHE C 70 -22.27 3.49 -15.33
CA PHE C 70 -23.59 3.30 -15.94
C PHE C 70 -23.43 2.66 -17.33
N LEU C 75 -23.56 -4.60 -20.78
CA LEU C 75 -23.18 -4.35 -19.41
C LEU C 75 -21.85 -5.08 -19.11
N GLY C 76 -21.29 -4.91 -17.91
CA GLY C 76 -19.99 -5.50 -17.55
C GLY C 76 -19.76 -5.72 -16.06
N PHE C 77 -18.51 -5.93 -15.69
CA PHE C 77 -18.11 -6.12 -14.31
C PHE C 77 -17.90 -4.81 -13.51
N LEU C 78 -17.39 -3.74 -14.14
CA LEU C 78 -16.99 -2.56 -13.40
C LEU C 78 -18.16 -1.59 -13.25
N THR C 79 -19.26 -1.93 -13.90
CA THR C 79 -20.42 -1.09 -13.90
C THR C 79 -21.41 -1.56 -12.84
N SER C 80 -22.19 -0.63 -12.31
CA SER C 80 -23.11 -0.98 -11.24
C SER C 80 -24.61 -0.69 -11.58
N TYR C 81 -24.84 0.05 -12.67
CA TYR C 81 -26.17 0.44 -13.16
C TYR C 81 -26.20 0.64 -14.69
N THR C 82 -27.41 0.54 -15.26
CA THR C 82 -27.72 0.84 -16.68
C THR C 82 -28.19 2.31 -16.78
N LEU C 83 -28.05 2.91 -17.97
CA LEU C 83 -28.48 4.28 -18.22
C LEU C 83 -29.96 4.58 -17.92
N ASP C 84 -30.73 3.55 -17.57
CA ASP C 84 -32.13 3.75 -17.19
C ASP C 84 -32.38 3.46 -15.71
N GLU C 85 -31.29 3.24 -14.97
CA GLU C 85 -31.41 2.90 -13.56
C GLU C 85 -31.21 4.12 -12.69
N ILE C 86 -30.89 5.25 -13.32
CA ILE C 86 -30.67 6.54 -12.66
C ILE C 86 -31.57 6.76 -11.45
N ASP C 87 -32.83 6.35 -11.58
CA ASP C 87 -33.80 6.45 -10.49
C ASP C 87 -33.32 5.70 -9.25
N ARG C 88 -32.93 4.44 -9.45
CA ARG C 88 -32.53 3.55 -8.35
C ARG C 88 -31.27 4.09 -7.67
N PHE C 89 -30.37 4.61 -8.50
CA PHE C 89 -29.09 5.21 -8.09
C PHE C 89 -29.30 6.44 -7.19
N LEU C 90 -30.10 7.41 -7.66
CA LEU C 90 -30.36 8.66 -6.94
C LEU C 90 -31.07 8.45 -5.61
N GLU C 91 -31.96 7.46 -5.56
CA GLU C 91 -32.53 6.95 -4.30
C GLU C 91 -31.41 6.45 -3.37
N ASP C 92 -30.53 5.60 -3.93
CA ASP C 92 -29.46 4.91 -3.17
C ASP C 92 -28.33 5.86 -2.72
N LEU C 93 -28.09 6.89 -3.53
CA LEU C 93 -27.18 7.98 -3.19
C LEU C 93 -27.58 8.74 -1.91
N ARG C 94 -28.88 8.85 -1.67
CA ARG C 94 -29.42 9.62 -0.54
C ARG C 94 -28.99 9.06 0.82
N ASN C 95 -29.04 7.74 0.98
CA ASN C 95 -28.81 7.09 2.28
C ASN C 95 -27.46 6.35 2.40
N TRP C 96 -26.56 6.62 1.46
CA TRP C 96 -25.31 5.85 1.28
C TRP C 96 -25.61 4.36 1.38
N ASN C 97 -26.64 3.93 0.66
CA ASN C 97 -26.94 2.51 0.57
C ASN C 97 -26.06 1.88 -0.50
N PHE C 98 -24.82 1.63 -0.10
CA PHE C 98 -23.82 1.08 -0.98
C PHE C 98 -22.97 0.04 -0.26
N ARG C 99 -22.61 -1.01 -0.99
CA ARG C 99 -21.48 -1.85 -0.62
C ARG C 99 -20.27 -1.24 -1.32
N GLU C 100 -19.16 -1.16 -0.60
CA GLU C 100 -17.96 -0.52 -1.13
C GLU C 100 -16.93 -1.57 -1.54
N GLU C 101 -16.50 -1.53 -2.80
CA GLU C 101 -15.54 -2.53 -3.31
C GLU C 101 -14.18 -1.88 -3.52
N THR C 102 -13.13 -2.51 -3.01
CA THR C 102 -11.76 -2.03 -3.21
C THR C 102 -11.14 -2.69 -4.43
N ARG C 103 -10.57 -1.87 -5.31
CA ARG C 103 -9.90 -2.37 -6.50
C ARG C 103 -8.56 -1.67 -6.57
N TRP C 104 -7.52 -2.44 -6.25
CA TRP C 104 -6.18 -1.96 -6.30
C TRP C 104 -5.58 -2.10 -7.68
N PHE C 105 -4.64 -1.23 -8.00
CA PHE C 105 -3.89 -1.35 -9.22
C PHE C 105 -2.67 -2.28 -9.06
N ILE C 106 -2.10 -2.68 -10.18
CA ILE C 106 -0.73 -3.20 -10.12
C ILE C 106 0.21 -2.13 -10.67
N GLN C 107 1.44 -2.15 -10.16
CA GLN C 107 2.49 -1.26 -10.58
C GLN C 107 3.48 -2.06 -11.41
N ILE C 108 4.00 -1.42 -12.44
CA ILE C 108 4.89 -2.08 -13.37
C ILE C 108 6.14 -1.21 -13.57
N GLU C 109 7.28 -1.77 -13.20
CA GLU C 109 8.56 -1.12 -13.37
C GLU C 109 9.25 -1.76 -14.56
N SER C 110 9.72 -0.93 -15.49
CA SER C 110 10.48 -1.36 -16.66
C SER C 110 11.37 -0.25 -17.23
N GLU C 111 12.10 -0.58 -18.30
CA GLU C 111 12.93 0.40 -18.99
C GLU C 111 12.06 1.58 -19.45
N LEU C 112 10.83 1.26 -19.85
CA LEU C 112 9.85 2.24 -20.30
C LEU C 112 9.35 3.16 -19.19
N GLY C 113 9.62 2.82 -17.92
CA GLY C 113 9.16 3.65 -16.81
C GLY C 113 8.30 2.92 -15.78
N ASN C 114 7.36 3.64 -15.22
CA ASN C 114 6.47 3.14 -14.18
C ASN C 114 5.03 3.23 -14.62
N HIS C 115 4.38 2.09 -14.81
CA HIS C 115 3.00 2.08 -15.28
C HIS C 115 2.05 1.56 -14.19
N LEU C 116 0.78 1.93 -14.26
CA LEU C 116 -0.26 1.34 -13.42
C LEU C 116 -1.34 0.66 -14.26
N ALA C 117 -1.82 -0.51 -13.83
CA ALA C 117 -2.98 -1.15 -14.46
C ALA C 117 -4.01 -1.63 -13.46
N LEU C 118 -5.28 -1.49 -13.84
CA LEU C 118 -6.38 -2.04 -13.04
C LEU C 118 -6.59 -3.51 -13.40
N ASN C 119 -6.42 -3.81 -14.68
CA ASN C 119 -6.72 -5.14 -15.22
C ASN C 119 -5.48 -6.02 -15.36
N ASP C 120 -4.56 -5.66 -16.24
CA ASP C 120 -3.44 -6.55 -16.54
C ASP C 120 -2.34 -5.86 -17.30
N VAL C 121 -1.16 -6.48 -17.25
CA VAL C 121 -0.07 -6.13 -18.14
C VAL C 121 0.30 -7.35 -18.98
N THR C 122 0.57 -7.10 -20.24
CA THR C 122 0.91 -8.15 -21.19
C THR C 122 2.26 -7.91 -21.82
N LEU C 123 3.02 -9.00 -21.96
CA LEU C 123 4.19 -9.01 -22.80
C LEU C 123 3.94 -10.01 -23.93
N GLU C 124 4.00 -9.55 -25.17
CA GLU C 124 3.87 -10.48 -26.29
C GLU C 124 4.53 -10.07 -27.58
N ARG C 125 5.09 -11.08 -28.25
CA ARG C 125 5.82 -10.89 -29.50
C ARG C 125 4.99 -10.25 -30.63
N ASP C 126 5.66 -9.74 -31.65
CA ASP C 126 4.99 -9.24 -32.85
C ASP C 126 4.33 -10.43 -33.59
N LEU C 127 3.27 -10.16 -34.34
CA LEU C 127 2.55 -11.23 -35.08
C LEU C 127 3.51 -12.05 -35.93
N SER C 128 4.43 -11.36 -36.60
CA SER C 128 5.45 -11.98 -37.44
C SER C 128 6.75 -12.35 -36.70
N GLY C 129 6.76 -12.30 -35.37
CA GLY C 129 7.91 -12.72 -34.62
C GLY C 129 7.91 -14.21 -34.29
N LYS C 130 9.08 -14.69 -33.89
CA LYS C 130 9.20 -16.07 -33.43
C LYS C 130 8.78 -16.18 -31.97
N MET C 131 8.59 -17.40 -31.48
CA MET C 131 8.31 -17.58 -30.07
C MET C 131 9.56 -17.17 -29.29
N VAL C 132 9.37 -16.78 -28.01
CA VAL C 132 10.45 -16.32 -27.13
C VAL C 132 10.56 -17.07 -25.83
N GLU C 133 11.79 -17.22 -25.37
CA GLU C 133 12.06 -17.85 -24.08
C GLU C 133 11.72 -16.79 -23.02
N ILE C 134 10.90 -17.17 -22.05
CA ILE C 134 10.41 -16.28 -21.00
C ILE C 134 10.69 -16.87 -19.62
N GLU C 135 11.32 -16.07 -18.79
CA GLU C 135 11.65 -16.43 -17.41
C GLU C 135 10.71 -15.69 -16.48
N VAL C 136 10.01 -16.42 -15.61
CA VAL C 136 9.11 -15.83 -14.61
C VAL C 136 9.63 -16.09 -13.20
N GLU C 137 9.95 -15.05 -12.44
CA GLU C 137 10.52 -15.21 -11.09
C GLU C 137 9.59 -14.54 -10.11
N VAL C 138 9.01 -15.36 -9.23
CA VAL C 138 8.04 -14.90 -8.26
C VAL C 138 8.77 -14.81 -6.93
N GLU C 139 8.82 -13.61 -6.35
CA GLU C 139 9.27 -13.39 -4.97
C GLU C 139 10.48 -14.22 -4.47
N HIS C 140 11.63 -14.16 -5.12
CA HIS C 140 12.81 -14.95 -4.60
C HIS C 140 12.82 -16.48 -4.77
N HIS C 141 11.80 -17.03 -5.38
CA HIS C 141 11.79 -18.44 -5.79
C HIS C 141 12.72 -18.70 -6.98
N SER C 142 13.15 -19.94 -7.19
CA SER C 142 13.73 -20.29 -8.47
C SER C 142 12.74 -19.95 -9.62
N SER C 143 13.23 -19.88 -10.85
CA SER C 143 12.42 -19.45 -12.00
C SER C 143 11.52 -20.53 -12.63
N MET C 144 10.38 -20.13 -13.21
CA MET C 144 9.64 -21.00 -14.14
C MET C 144 9.94 -20.48 -15.55
N TRP C 145 10.14 -21.38 -16.50
CA TRP C 145 10.56 -21.02 -17.86
C TRP C 145 9.54 -21.46 -18.86
N PHE C 146 9.22 -20.58 -19.83
CA PHE C 146 8.37 -20.89 -21.00
C PHE C 146 8.99 -20.49 -22.31
N PHE C 147 8.68 -21.26 -23.33
CA PHE C 147 8.88 -20.86 -24.71
C PHE C 147 7.47 -20.61 -25.27
N ALA C 148 7.16 -19.37 -25.64
CA ALA C 148 5.77 -18.91 -25.78
C ALA C 148 5.63 -17.62 -26.60
N ASP C 149 4.40 -17.26 -26.96
CA ASP C 149 4.13 -15.95 -27.56
C ASP C 149 4.23 -14.79 -26.57
N GLY C 150 3.97 -15.04 -25.29
CA GLY C 150 4.02 -13.98 -24.30
C GLY C 150 3.42 -14.42 -22.97
N VAL C 151 3.21 -13.48 -22.06
CA VAL C 151 2.67 -13.78 -20.73
C VAL C 151 1.74 -12.65 -20.39
N VAL C 152 0.66 -12.95 -19.64
CA VAL C 152 -0.19 -11.95 -19.07
C VAL C 152 -0.12 -12.02 -17.56
N ILE C 153 0.07 -10.87 -16.92
CA ILE C 153 -0.07 -10.79 -15.48
C ILE C 153 -1.33 -9.94 -15.14
N SER C 154 -2.23 -10.54 -14.37
CA SER C 154 -3.56 -10.00 -14.22
C SER C 154 -3.95 -9.83 -12.73
N THR C 155 -4.70 -8.78 -12.42
CA THR C 155 -5.35 -8.68 -11.12
C THR C 155 -6.60 -9.56 -11.18
N PRO C 156 -7.34 -9.70 -10.07
CA PRO C 156 -8.65 -10.40 -10.11
C PRO C 156 -9.70 -9.76 -11.01
N THR C 157 -9.64 -8.44 -11.15
CA THR C 157 -10.53 -7.68 -12.02
C THR C 157 -10.23 -8.01 -13.48
N GLY C 158 -8.94 -8.04 -13.82
CA GLY C 158 -8.52 -8.41 -15.16
C GLY C 158 -8.62 -9.89 -15.47
N SER C 159 -9.05 -10.73 -14.52
CA SER C 159 -9.08 -12.16 -14.77
C SER C 159 -10.17 -12.53 -15.79
N THR C 160 -11.22 -11.71 -15.91
CA THR C 160 -12.33 -12.00 -16.85
C THR C 160 -12.09 -11.47 -18.27
N ALA C 161 -10.94 -10.85 -18.49
CA ALA C 161 -10.64 -10.23 -19.79
C ALA C 161 -9.76 -11.18 -20.60
N TYR C 162 -8.56 -10.74 -20.96
CA TYR C 162 -7.67 -11.47 -21.86
C TYR C 162 -7.24 -12.83 -21.32
N SER C 163 -6.83 -12.85 -20.05
CA SER C 163 -6.46 -14.09 -19.37
C SER C 163 -7.53 -15.17 -19.44
N LEU C 164 -8.80 -14.78 -19.42
CA LEU C 164 -9.84 -15.76 -19.55
C LEU C 164 -9.85 -16.37 -20.96
N SER C 165 -9.52 -15.58 -21.99
CA SER C 165 -9.45 -16.10 -23.37
C SER C 165 -8.39 -17.20 -23.61
N ILE C 166 -7.28 -17.15 -22.88
CA ILE C 166 -6.18 -18.12 -23.04
C ILE C 166 -6.23 -19.26 -22.01
N GLY C 167 -7.33 -19.39 -21.26
CA GLY C 167 -7.44 -20.53 -20.33
C GLY C 167 -7.36 -20.27 -18.84
N GLY C 168 -7.20 -19.01 -18.43
CA GLY C 168 -7.13 -18.70 -17.00
C GLY C 168 -8.45 -18.83 -16.21
N PRO C 169 -8.37 -18.94 -14.88
CA PRO C 169 -9.57 -19.10 -14.07
C PRO C 169 -10.39 -17.82 -14.02
N ILE C 170 -11.67 -17.95 -13.65
CA ILE C 170 -12.45 -16.80 -13.16
C ILE C 170 -12.11 -16.49 -11.70
N ILE C 171 -11.58 -15.30 -11.43
CA ILE C 171 -11.10 -14.97 -10.08
C ILE C 171 -12.01 -13.94 -9.49
N PHE C 172 -12.63 -14.24 -8.35
CA PHE C 172 -13.57 -13.31 -7.75
C PHE C 172 -12.84 -12.02 -7.40
N PRO C 173 -13.50 -10.87 -7.60
CA PRO C 173 -12.80 -9.57 -7.44
C PRO C 173 -12.20 -9.32 -6.05
N GLU C 174 -12.75 -9.92 -4.98
CA GLU C 174 -12.23 -9.74 -3.63
C GLU C 174 -10.94 -10.56 -3.32
N CYS C 175 -10.54 -11.47 -4.22
CA CYS C 175 -9.41 -12.36 -3.92
C CYS C 175 -8.06 -11.62 -3.78
N GLU C 176 -7.27 -11.96 -2.76
CA GLU C 176 -5.95 -11.34 -2.63
C GLU C 176 -4.85 -12.07 -3.38
N VAL C 177 -4.98 -12.10 -4.71
CA VAL C 177 -4.06 -12.84 -5.56
C VAL C 177 -3.71 -12.10 -6.86
N LEU C 178 -2.58 -12.47 -7.48
CA LEU C 178 -2.23 -12.09 -8.85
C LEU C 178 -2.25 -13.38 -9.68
N GLU C 179 -2.48 -13.23 -10.98
CA GLU C 179 -2.60 -14.37 -11.91
C GLU C 179 -1.56 -14.16 -13.04
N ILE C 180 -0.84 -15.24 -13.33
CA ILE C 180 0.18 -15.30 -14.37
C ILE C 180 -0.26 -16.37 -15.40
N SER C 181 -0.39 -15.98 -16.66
CA SER C 181 -0.86 -16.88 -17.67
C SER C 181 0.02 -16.75 -18.93
N PRO C 182 0.78 -17.79 -19.26
CA PRO C 182 1.63 -17.79 -20.47
C PRO C 182 0.77 -17.78 -21.72
N ILE C 183 1.18 -17.08 -22.78
CA ILE C 183 0.40 -17.14 -24.02
C ILE C 183 0.93 -18.19 -25.01
N ALA C 184 0.04 -19.05 -25.48
CA ALA C 184 0.35 -20.10 -26.45
C ALA C 184 1.71 -20.74 -26.19
N PRO C 185 1.96 -21.29 -25.01
CA PRO C 185 3.29 -21.79 -24.70
C PRO C 185 3.48 -23.16 -25.32
N GLN C 186 4.73 -23.55 -25.51
CA GLN C 186 5.04 -24.90 -25.96
C GLN C 186 4.97 -25.90 -24.79
N PHE C 187 4.96 -27.20 -25.09
CA PHE C 187 4.91 -28.27 -24.08
C PHE C 187 3.63 -28.25 -23.23
N PHE C 188 2.56 -27.70 -23.79
CA PHE C 188 1.22 -27.76 -23.20
C PHE C 188 1.10 -27.12 -21.80
N LEU C 189 2.01 -26.22 -21.48
CA LEU C 189 1.95 -25.54 -20.19
C LEU C 189 0.87 -24.50 -20.19
N THR C 190 -0.29 -24.80 -20.78
CA THR C 190 -1.39 -23.84 -20.85
C THR C 190 -2.17 -23.81 -19.55
N ARG C 191 -1.48 -23.41 -18.45
CA ARG C 191 -2.12 -23.24 -17.16
C ARG C 191 -1.62 -21.95 -16.51
N SER C 192 -2.50 -21.36 -15.74
CA SER C 192 -2.19 -20.13 -15.07
C SER C 192 -1.59 -20.46 -13.73
N VAL C 193 -0.86 -19.51 -13.18
CA VAL C 193 -0.33 -19.67 -11.84
C VAL C 193 -0.97 -18.57 -11.03
N VAL C 194 -1.53 -18.89 -9.87
CA VAL C 194 -2.13 -17.90 -8.96
C VAL C 194 -1.21 -17.78 -7.72
N ILE C 195 -0.75 -16.56 -7.42
CA ILE C 195 0.14 -16.24 -6.29
C ILE C 195 -0.51 -15.21 -5.33
N PRO C 196 -0.06 -15.09 -4.07
CA PRO C 196 -0.60 -14.05 -3.18
C PRO C 196 -0.34 -12.63 -3.73
N SER C 197 -1.27 -11.71 -3.52
CA SER C 197 -1.13 -10.34 -4.03
C SER C 197 0.08 -9.59 -3.42
N ASN C 198 0.65 -10.07 -2.30
CA ASN C 198 1.89 -9.44 -1.76
C ASN C 198 3.24 -9.94 -2.37
N PHE C 199 3.18 -10.78 -3.40
CA PHE C 199 4.39 -11.30 -3.99
C PHE C 199 4.78 -10.43 -5.18
N LYS C 200 6.06 -10.15 -5.38
CA LYS C 200 6.43 -9.44 -6.61
C LYS C 200 6.63 -10.49 -7.73
N VAL C 201 6.59 -10.08 -8.99
CA VAL C 201 6.87 -10.98 -10.11
C VAL C 201 7.87 -10.31 -11.05
N VAL C 202 8.98 -10.97 -11.37
CA VAL C 202 9.87 -10.45 -12.39
C VAL C 202 9.73 -11.30 -13.69
N VAL C 203 9.56 -10.62 -14.82
CA VAL C 203 9.44 -11.30 -16.11
C VAL C 203 10.53 -10.79 -17.02
N GLU C 204 11.23 -11.75 -17.63
CA GLU C 204 12.36 -11.48 -18.51
C GLU C 204 12.27 -12.28 -19.79
N SER C 205 12.35 -11.59 -20.93
CA SER C 205 12.29 -12.27 -22.23
C SER C 205 13.68 -12.25 -22.84
N GLN C 206 13.92 -13.26 -23.65
CA GLN C 206 15.13 -13.39 -24.45
C GLN C 206 15.38 -12.18 -25.33
N ARG C 207 14.34 -11.56 -25.87
CA ARG C 207 14.49 -10.38 -26.72
C ARG C 207 13.35 -9.40 -26.44
N ASP C 208 13.51 -8.14 -26.87
CA ASP C 208 12.52 -7.10 -26.63
C ASP C 208 11.21 -7.55 -27.24
N ILE C 209 10.12 -7.50 -26.47
CA ILE C 209 8.81 -7.74 -27.04
C ILE C 209 7.82 -6.65 -26.61
N ASN C 210 6.56 -6.72 -27.08
CA ASN C 210 5.61 -5.64 -26.84
C ASN C 210 4.97 -5.66 -25.45
N MET C 211 4.84 -4.47 -24.85
CA MET C 211 4.17 -4.37 -23.54
C MET C 211 2.81 -3.72 -23.72
N LEU C 212 1.77 -4.40 -23.29
CA LEU C 212 0.46 -3.77 -23.26
C LEU C 212 0.05 -3.58 -21.80
N VAL C 213 -0.46 -2.40 -21.48
CA VAL C 213 -0.90 -2.15 -20.14
C VAL C 213 -2.40 -1.90 -20.29
N ASP C 214 -3.22 -2.74 -19.63
CA ASP C 214 -4.69 -2.70 -19.78
C ASP C 214 -5.16 -2.68 -21.25
N GLY C 215 -4.41 -3.38 -22.10
CA GLY C 215 -4.81 -3.51 -23.48
C GLY C 215 -4.24 -2.44 -24.39
N VAL C 216 -3.62 -1.42 -23.82
CA VAL C 216 -3.06 -0.28 -24.55
C VAL C 216 -1.58 -0.57 -24.76
N LEU C 217 -1.12 -0.54 -26.00
CA LEU C 217 0.29 -0.75 -26.25
C LEU C 217 1.09 0.44 -25.68
N THR C 218 2.33 0.15 -25.32
CA THR C 218 3.08 0.98 -24.42
C THR C 218 4.56 1.04 -24.79
N GLY C 219 5.00 0.29 -25.80
CA GLY C 219 6.41 0.22 -26.16
C GLY C 219 6.96 -1.18 -26.00
N LYS C 220 8.27 -1.38 -26.15
CA LYS C 220 8.88 -2.72 -26.11
C LYS C 220 9.84 -2.89 -24.94
N THR C 221 9.94 -4.10 -24.34
CA THR C 221 10.80 -4.41 -23.18
C THR C 221 11.29 -5.84 -23.17
N LYS C 222 12.23 -6.10 -22.28
CA LYS C 222 12.95 -7.33 -22.12
C LYS C 222 12.87 -7.77 -20.64
N ARG C 223 12.36 -6.90 -19.78
CA ARG C 223 12.28 -7.16 -18.34
C ARG C 223 11.27 -6.24 -17.69
N ILE C 224 10.36 -6.81 -16.91
CA ILE C 224 9.42 -6.00 -16.09
C ILE C 224 9.38 -6.53 -14.68
N GLU C 225 9.09 -5.64 -13.74
CA GLU C 225 8.80 -5.98 -12.36
C GLU C 225 7.36 -5.57 -12.05
N VAL C 226 6.60 -6.51 -11.51
CA VAL C 226 5.18 -6.30 -11.29
C VAL C 226 4.84 -6.55 -9.81
N LYS C 227 4.04 -5.64 -9.25
CA LYS C 227 3.54 -5.84 -7.91
C LYS C 227 2.27 -5.03 -7.70
N LYS C 228 1.56 -5.34 -6.62
CA LYS C 228 0.36 -4.63 -6.22
C LYS C 228 0.79 -3.23 -5.77
N SER C 229 0.03 -2.22 -6.14
CA SER C 229 0.36 -0.87 -5.78
C SER C 229 -0.49 -0.54 -4.57
N ARG C 230 -0.10 0.49 -3.84
CA ARG C 230 -0.91 1.10 -2.79
C ARG C 230 -2.13 1.81 -3.38
N ARG C 231 -2.04 2.19 -4.66
CA ARG C 231 -3.12 2.89 -5.38
C ARG C 231 -4.37 2.05 -5.64
N TYR C 232 -5.51 2.72 -5.52
CA TYR C 232 -6.79 2.04 -5.59
C TYR C 232 -7.92 2.96 -5.95
N VAL C 233 -9.02 2.31 -6.25
CA VAL C 233 -10.27 3.00 -6.42
C VAL C 233 -11.36 2.24 -5.67
N ARG C 234 -12.40 2.96 -5.25
CA ARG C 234 -13.55 2.30 -4.64
C ARG C 234 -14.69 2.34 -5.64
N ILE C 235 -15.24 1.17 -5.92
CA ILE C 235 -16.39 1.08 -6.78
C ILE C 235 -17.65 0.85 -5.89
N LEU C 236 -18.64 1.73 -6.00
CA LEU C 236 -19.84 1.62 -5.16
C LEU C 236 -20.87 0.65 -5.74
N ARG C 237 -21.38 -0.24 -4.89
CA ARG C 237 -22.36 -1.26 -5.28
C ARG C 237 -23.68 -1.13 -4.55
N PRO C 238 -24.79 -1.41 -5.23
CA PRO C 238 -26.06 -1.67 -4.55
C PRO C 238 -25.97 -2.94 -3.69
N PRO C 239 -26.75 -3.04 -2.60
CA PRO C 239 -26.86 -4.29 -1.83
C PRO C 239 -27.24 -5.49 -2.70
N GLU C 240 -27.84 -5.18 -3.85
CA GLU C 240 -28.45 -6.15 -4.76
C GLU C 240 -27.49 -6.63 -5.82
N TYR C 241 -26.45 -5.85 -6.08
CA TYR C 241 -25.51 -6.20 -7.12
C TYR C 241 -25.07 -7.67 -6.97
N ASP C 242 -25.11 -8.40 -8.05
CA ASP C 242 -24.57 -9.77 -8.03
C ASP C 242 -23.61 -10.04 -9.19
N TYR C 243 -22.39 -10.24 -8.80
CA TYR C 243 -21.29 -10.58 -9.67
C TYR C 243 -21.52 -11.85 -10.51
N VAL C 244 -22.09 -12.90 -9.91
CA VAL C 244 -22.31 -14.18 -10.55
C VAL C 244 -23.33 -14.09 -11.66
N THR C 245 -24.30 -13.18 -11.49
CA THR C 245 -25.30 -12.89 -12.51
C THR C 245 -24.54 -12.33 -13.73
N VAL C 246 -23.51 -11.51 -13.51
CA VAL C 246 -22.76 -11.02 -14.64
C VAL C 246 -21.86 -12.12 -15.25
N ILE C 247 -21.35 -13.05 -14.43
CA ILE C 247 -20.56 -14.18 -14.94
C ILE C 247 -21.39 -15.07 -15.89
N ARG C 248 -22.65 -15.29 -15.52
CA ARG C 248 -23.57 -16.09 -16.34
C ARG C 248 -23.93 -15.31 -17.60
N ASP C 249 -24.21 -14.02 -17.43
CA ASP C 249 -24.81 -13.24 -18.49
C ASP C 249 -23.77 -12.74 -19.48
N LYS C 250 -22.69 -12.19 -18.96
CA LYS C 250 -21.73 -11.58 -19.83
C LYS C 250 -20.78 -12.65 -20.34
N LEU C 251 -20.30 -13.51 -19.44
CA LEU C 251 -19.35 -14.54 -19.83
C LEU C 251 -19.96 -15.83 -20.34
N GLY C 252 -21.26 -16.02 -20.19
CA GLY C 252 -21.87 -17.30 -20.54
C GLY C 252 -21.37 -18.50 -19.73
N TYR C 253 -20.79 -18.24 -18.55
CA TYR C 253 -20.30 -19.30 -17.70
C TYR C 253 -21.29 -19.70 -16.60
N GLY C 254 -21.70 -20.97 -16.59
CA GLY C 254 -22.55 -21.45 -15.52
C GLY C 254 -24.05 -21.17 -15.65
N ARG C 255 -24.51 -20.84 -16.86
CA ARG C 255 -25.95 -20.78 -17.14
C ARG C 255 -26.57 -22.16 -16.98
N ARG C 256 -27.83 -22.21 -16.53
CA ARG C 256 -28.52 -23.48 -16.26
C ARG C 256 -29.17 -24.10 -17.48
N MET D 1 -15.43 47.64 57.78
CA MET D 1 -14.21 46.90 57.36
C MET D 1 -13.56 47.44 56.08
N LYS D 2 -12.23 47.40 56.02
CA LYS D 2 -11.51 47.94 54.86
C LYS D 2 -11.16 46.79 53.94
N ILE D 3 -11.74 46.81 52.74
CA ILE D 3 -11.74 45.64 51.85
C ILE D 3 -11.11 45.92 50.48
N ALA D 4 -10.22 45.01 50.06
CA ALA D 4 -9.65 45.08 48.73
C ALA D 4 -10.27 44.01 47.84
N ILE D 5 -10.55 44.36 46.60
CA ILE D 5 -11.19 43.43 45.67
C ILE D 5 -10.28 43.12 44.48
N LEU D 6 -10.06 41.84 44.22
CA LEU D 6 -9.25 41.46 43.08
C LEU D 6 -9.99 40.53 42.15
N TYR D 7 -10.04 40.87 40.88
CA TYR D 7 -10.76 40.10 39.87
C TYR D 7 -9.80 39.59 38.78
N ARG D 8 -10.18 38.48 38.13
CA ARG D 8 -9.44 37.93 37.00
C ARG D 8 -9.54 38.90 35.79
N GLU D 9 -8.64 38.77 34.81
CA GLU D 9 -8.63 39.65 33.63
C GLU D 9 -10.02 39.99 33.06
N GLU D 10 -10.79 38.94 32.74
CA GLU D 10 -12.08 39.08 32.05
C GLU D 10 -13.26 39.50 32.94
N ARG D 11 -13.22 39.04 34.19
CA ARG D 11 -14.32 39.23 35.16
C ARG D 11 -14.47 40.64 35.77
N GLU D 12 -13.95 41.68 35.12
CA GLU D 12 -14.17 43.05 35.60
C GLU D 12 -15.65 43.31 35.98
N LYS D 13 -16.58 42.68 35.26
CA LYS D 13 -18.01 42.81 35.51
C LYS D 13 -18.54 42.19 36.81
N GLU D 14 -18.09 40.97 37.15
CA GLU D 14 -18.50 40.33 38.42
C GLU D 14 -17.87 41.04 39.60
N GLY D 15 -16.62 41.49 39.40
CA GLY D 15 -15.93 42.33 40.37
C GLY D 15 -16.73 43.60 40.67
N GLU D 16 -17.19 44.25 39.61
CA GLU D 16 -18.03 45.46 39.72
C GLU D 16 -19.32 45.23 40.51
N PHE D 17 -20.07 44.17 40.20
CA PHE D 17 -21.30 43.94 40.97
C PHE D 17 -21.11 43.42 42.42
N LEU D 18 -20.01 42.67 42.64
CA LEU D 18 -19.50 42.39 44.00
C LEU D 18 -19.08 43.67 44.73
N LYS D 19 -18.45 44.59 44.00
CA LYS D 19 -17.99 45.88 44.54
C LYS D 19 -19.11 46.85 44.97
N GLU D 20 -20.18 46.97 44.18
CA GLU D 20 -21.32 47.81 44.58
C GLU D 20 -22.02 47.26 45.82
N LYS D 21 -22.22 45.93 45.85
CA LYS D 21 -22.89 45.26 46.97
C LYS D 21 -22.10 45.38 48.28
N ILE D 22 -20.80 45.11 48.21
CA ILE D 22 -19.92 45.17 49.38
C ILE D 22 -19.80 46.61 49.96
N SER D 23 -19.86 47.63 49.09
CA SER D 23 -19.75 49.03 49.51
C SER D 23 -20.95 49.55 50.30
N LYS D 24 -22.10 48.88 50.21
CA LYS D 24 -23.30 49.25 50.96
C LYS D 24 -23.11 49.14 52.48
N GLU D 25 -22.26 48.20 52.90
CA GLU D 25 -21.97 47.99 54.31
C GLU D 25 -20.50 48.26 54.66
N HIS D 26 -19.61 48.18 53.68
CA HIS D 26 -18.16 48.24 53.91
C HIS D 26 -17.43 49.22 52.99
N GLU D 27 -16.13 49.40 53.22
CA GLU D 27 -15.33 50.26 52.33
C GLU D 27 -14.35 49.50 51.44
N VAL D 28 -14.58 49.56 50.13
CA VAL D 28 -13.59 49.13 49.12
C VAL D 28 -12.48 50.16 49.03
N ILE D 29 -11.28 49.78 49.45
CA ILE D 29 -10.14 50.70 49.50
C ILE D 29 -9.19 50.44 48.32
N GLU D 30 -9.40 49.32 47.64
CA GLU D 30 -8.61 48.89 46.49
C GLU D 30 -9.44 48.00 45.57
N PHE D 31 -9.33 48.28 44.28
CA PHE D 31 -10.11 47.57 43.27
C PHE D 31 -9.32 47.38 41.98
N GLY D 32 -8.91 46.15 41.69
CA GLY D 32 -8.08 45.90 40.53
C GLY D 32 -7.78 44.45 40.24
N GLU D 33 -6.88 44.26 39.28
CA GLU D 33 -6.49 42.94 38.80
C GLU D 33 -5.66 42.23 39.85
N ALA D 34 -5.86 40.91 39.95
CA ALA D 34 -5.09 40.05 40.84
C ALA D 34 -3.72 39.72 40.25
N ASN D 35 -3.58 39.92 38.94
CA ASN D 35 -2.32 39.75 38.20
C ASN D 35 -1.40 41.00 38.22
N ALA D 36 -1.98 42.17 38.48
CA ALA D 36 -1.26 43.43 38.70
C ALA D 36 -0.27 43.29 39.85
N PRO D 37 0.85 44.01 39.81
CA PRO D 37 1.90 43.90 40.84
C PRO D 37 1.62 44.69 42.12
N GLY D 38 2.20 44.24 43.23
CA GLY D 38 2.14 44.99 44.47
C GLY D 38 1.55 44.23 45.64
N ARG D 39 2.12 44.41 46.82
CA ARG D 39 1.56 43.86 48.05
C ARG D 39 0.23 44.54 48.36
N VAL D 40 -0.71 43.79 48.90
CA VAL D 40 -2.03 44.33 49.22
C VAL D 40 -2.30 44.10 50.71
N THR D 41 -2.51 45.19 51.45
CA THR D 41 -2.91 45.08 52.84
C THR D 41 -4.31 45.65 53.04
N ALA D 42 -5.14 44.87 53.73
CA ALA D 42 -6.48 45.25 54.09
C ALA D 42 -6.91 44.40 55.28
N ASP D 43 -8.13 44.61 55.77
CA ASP D 43 -8.75 43.72 56.76
C ASP D 43 -9.17 42.39 56.09
N LEU D 44 -9.42 42.46 54.78
CA LEU D 44 -9.93 41.35 54.00
C LEU D 44 -9.68 41.58 52.49
N ILE D 45 -9.29 40.52 51.80
CA ILE D 45 -9.21 40.54 50.35
C ILE D 45 -10.34 39.66 49.81
N VAL D 46 -11.15 40.22 48.94
CA VAL D 46 -12.19 39.49 48.23
C VAL D 46 -11.67 39.31 46.83
N VAL D 47 -11.64 38.07 46.36
CA VAL D 47 -11.10 37.67 45.06
C VAL D 47 -12.21 37.07 44.19
N VAL D 48 -12.40 37.61 42.98
CA VAL D 48 -13.38 37.08 42.02
C VAL D 48 -12.68 36.38 40.86
N GLY D 49 -13.16 35.18 40.49
CA GLY D 49 -12.53 34.37 39.45
C GLY D 49 -12.62 32.86 39.68
N GLY D 50 -11.48 32.22 39.86
CA GLY D 50 -11.39 30.78 40.11
C GLY D 50 -10.17 30.50 40.95
N ASP D 51 -9.77 29.23 40.99
CA ASP D 51 -8.63 28.86 41.82
C ASP D 51 -7.36 29.57 41.30
N GLY D 52 -7.20 29.63 39.98
CA GLY D 52 -6.11 30.39 39.38
C GLY D 52 -5.94 31.80 39.93
N THR D 53 -7.04 32.55 40.00
CA THR D 53 -7.02 33.92 40.53
C THR D 53 -6.62 34.01 42.02
N VAL D 54 -7.17 33.12 42.85
CA VAL D 54 -6.89 33.16 44.28
C VAL D 54 -5.40 32.93 44.42
N LEU D 55 -4.93 31.99 43.64
CA LEU D 55 -3.55 31.62 43.62
C LEU D 55 -2.64 32.82 43.39
N LYS D 56 -2.94 33.63 42.37
CA LYS D 56 -2.21 34.87 42.12
C LYS D 56 -2.43 35.92 43.19
N ALA D 57 -3.60 35.88 43.83
CA ALA D 57 -3.91 36.89 44.84
C ALA D 57 -3.17 36.62 46.17
N ALA D 58 -3.05 35.32 46.51
CA ALA D 58 -2.32 34.80 47.69
C ALA D 58 -0.88 35.25 47.75
N LYS D 59 -0.29 35.42 46.58
CA LYS D 59 1.05 35.97 46.44
C LYS D 59 1.16 37.45 46.79
N LYS D 60 0.06 38.20 46.61
CA LYS D 60 0.00 39.64 46.86
C LYS D 60 -0.38 39.97 48.32
N ALA D 61 -1.15 39.09 48.97
CA ALA D 61 -1.63 39.32 50.33
C ALA D 61 -0.49 39.50 51.34
N ALA D 62 -0.47 40.62 52.06
CA ALA D 62 0.43 40.73 53.20
C ALA D 62 0.24 39.52 54.14
N ASP D 63 1.30 38.73 54.33
CA ASP D 63 1.36 37.76 55.43
C ASP D 63 0.42 38.22 56.56
N GLY D 64 -0.63 37.43 56.80
CA GLY D 64 -1.69 37.84 57.70
C GLY D 64 -3.04 37.93 56.99
N THR D 65 -3.20 38.93 56.12
CA THR D 65 -4.48 39.30 55.49
C THR D 65 -5.31 38.12 55.00
N PRO D 66 -6.47 37.90 55.64
CA PRO D 66 -7.34 36.77 55.31
C PRO D 66 -7.94 37.01 53.94
N MET D 67 -8.26 35.93 53.24
CA MET D 67 -8.74 35.98 51.87
C MET D 67 -10.06 35.25 51.74
N VAL D 68 -10.85 35.66 50.76
CA VAL D 68 -12.03 34.89 50.35
C VAL D 68 -12.33 35.06 48.86
N GLY D 69 -12.39 33.91 48.19
CA GLY D 69 -12.61 33.82 46.77
C GLY D 69 -14.07 33.58 46.38
N PHE D 70 -14.46 34.20 45.26
CA PHE D 70 -15.78 34.02 44.65
C PHE D 70 -15.60 33.42 43.27
N LYS D 71 -16.40 32.40 42.96
CA LYS D 71 -16.28 31.73 41.65
C LYS D 71 -17.51 32.00 40.81
N ALA D 72 -17.27 32.27 39.53
CA ALA D 72 -18.31 32.40 38.53
C ALA D 72 -18.62 30.97 38.07
N GLY D 73 -19.59 30.28 38.73
CA GLY D 73 -20.02 28.94 38.30
C GLY D 73 -20.24 27.92 39.42
N ARG D 74 -19.48 26.85 39.30
CA ARG D 74 -19.41 25.66 40.15
C ARG D 74 -18.30 25.87 41.20
N LEU D 75 -18.52 25.54 42.46
CA LEU D 75 -17.52 25.73 43.51
C LEU D 75 -16.16 25.15 43.21
N GLY D 76 -15.07 25.81 43.67
CA GLY D 76 -13.68 25.37 43.46
C GLY D 76 -12.91 25.21 44.81
N PHE D 77 -11.77 24.48 44.89
CA PHE D 77 -11.05 24.25 46.19
C PHE D 77 -10.60 25.53 46.92
N LEU D 78 -10.28 26.58 46.17
CA LEU D 78 -9.70 27.80 46.75
C LEU D 78 -10.68 28.99 46.92
N THR D 79 -11.87 28.84 46.34
CA THR D 79 -12.99 29.76 46.49
C THR D 79 -13.97 29.26 47.57
N SER D 80 -14.79 30.15 48.11
CA SER D 80 -15.62 29.82 49.28
C SER D 80 -17.09 30.06 49.00
N TYR D 81 -17.36 31.01 48.10
CA TYR D 81 -18.73 31.36 47.74
C TYR D 81 -18.87 31.48 46.21
N THR D 82 -20.10 31.25 45.75
CA THR D 82 -20.50 31.42 44.35
C THR D 82 -21.00 32.86 44.24
N LEU D 83 -21.00 33.40 43.02
CA LEU D 83 -21.37 34.79 42.79
C LEU D 83 -22.85 35.16 43.03
N ASP D 84 -23.67 34.16 43.34
CA ASP D 84 -25.04 34.46 43.79
C ASP D 84 -25.14 34.51 45.31
N GLU D 85 -24.09 34.03 45.97
CA GLU D 85 -24.07 33.85 47.42
C GLU D 85 -23.70 35.11 48.20
N ILE D 86 -23.54 36.24 47.52
CA ILE D 86 -23.18 37.50 48.18
C ILE D 86 -24.04 37.76 49.42
N ASP D 87 -25.34 37.45 49.32
CA ASP D 87 -26.27 37.43 50.46
C ASP D 87 -25.66 36.76 51.72
N ARG D 88 -25.36 35.47 51.63
CA ARG D 88 -24.82 34.74 52.78
C ARG D 88 -23.45 35.22 53.24
N PHE D 89 -22.60 35.60 52.29
CA PHE D 89 -21.25 36.05 52.60
C PHE D 89 -21.27 37.30 53.44
N LEU D 90 -21.98 38.33 52.96
CA LEU D 90 -22.08 39.59 53.67
C LEU D 90 -22.71 39.37 55.02
N GLU D 91 -23.65 38.42 55.11
CA GLU D 91 -24.16 37.91 56.37
C GLU D 91 -23.01 37.38 57.26
N ASP D 92 -22.26 36.40 56.75
CA ASP D 92 -21.11 35.86 57.50
C ASP D 92 -20.09 36.92 57.84
N LEU D 93 -19.87 37.87 56.92
CA LEU D 93 -18.89 38.91 57.16
C LEU D 93 -19.24 39.75 58.39
N ARG D 94 -20.47 40.28 58.38
CA ARG D 94 -21.11 41.02 59.48
C ARG D 94 -21.04 40.30 60.84
N ASN D 95 -21.10 38.98 60.84
CA ASN D 95 -21.05 38.21 62.07
C ASN D 95 -19.72 37.46 62.30
N TRP D 96 -18.75 37.70 61.39
CA TRP D 96 -17.52 36.89 61.30
C TRP D 96 -17.76 35.39 61.49
N ASN D 97 -18.78 34.88 60.78
CA ASN D 97 -19.14 33.46 60.83
C ASN D 97 -18.27 32.69 59.86
N PHE D 98 -17.02 32.44 60.24
CA PHE D 98 -16.06 31.84 59.32
C PHE D 98 -15.26 30.73 59.95
N ARG D 99 -15.03 29.68 59.17
CA ARG D 99 -13.96 28.74 59.45
C ARG D 99 -12.64 29.27 58.85
N GLU D 100 -11.62 29.42 59.69
CA GLU D 100 -10.29 29.90 59.27
C GLU D 100 -9.40 28.73 58.86
N GLU D 101 -8.80 28.86 57.67
CA GLU D 101 -7.94 27.84 57.10
C GLU D 101 -6.62 28.47 56.66
N THR D 102 -5.53 27.74 56.79
CA THR D 102 -4.21 28.20 56.38
C THR D 102 -3.51 27.19 55.49
N ARG D 103 -2.89 27.67 54.42
CA ARG D 103 -2.14 26.80 53.50
C ARG D 103 -0.79 27.44 53.30
N TRP D 104 0.27 26.64 53.47
CA TRP D 104 1.62 27.12 53.29
C TRP D 104 2.00 27.06 51.85
N PHE D 105 2.95 27.90 51.43
CA PHE D 105 3.57 27.77 50.11
C PHE D 105 4.76 26.80 50.14
N ILE D 106 5.25 26.51 48.93
CA ILE D 106 6.58 25.96 48.76
C ILE D 106 7.54 26.97 48.19
N GLN D 107 8.81 26.68 48.41
CA GLN D 107 9.88 27.57 48.05
C GLN D 107 10.68 26.86 47.02
N ILE D 108 10.92 27.52 45.90
CA ILE D 108 11.75 26.93 44.90
C ILE D 108 12.89 27.88 44.63
N GLU D 109 14.10 27.36 44.83
CA GLU D 109 15.32 28.02 44.40
C GLU D 109 15.87 27.25 43.21
N SER D 110 16.47 28.00 42.28
CA SER D 110 17.12 27.50 41.06
C SER D 110 17.90 28.64 40.42
N GLU D 111 18.67 28.30 39.37
CA GLU D 111 19.31 29.22 38.42
C GLU D 111 18.57 30.56 38.28
N LEU D 112 17.26 30.43 38.06
CA LEU D 112 16.39 31.54 37.69
C LEU D 112 15.97 32.43 38.82
N GLY D 113 16.30 32.04 40.06
CA GLY D 113 15.97 32.86 41.21
C GLY D 113 15.20 32.09 42.25
N ASN D 114 14.30 32.78 42.94
CA ASN D 114 13.52 32.21 44.01
C ASN D 114 12.03 32.46 43.77
N HIS D 115 11.28 31.36 43.67
CA HIS D 115 9.87 31.45 43.35
C HIS D 115 9.04 30.96 44.53
N LEU D 116 7.79 31.42 44.62
CA LEU D 116 6.78 30.84 45.53
C LEU D 116 5.64 30.15 44.79
N ALA D 117 5.17 29.03 45.32
CA ALA D 117 4.03 28.31 44.72
C ALA D 117 3.08 27.81 45.77
N LEU D 118 1.79 27.98 45.54
CA LEU D 118 0.81 27.40 46.45
C LEU D 118 0.38 26.00 45.98
N ASN D 119 0.52 25.74 44.67
CA ASN D 119 0.12 24.48 44.04
C ASN D 119 1.28 23.50 43.79
N ASP D 120 2.16 23.86 42.88
CA ASP D 120 3.18 22.95 42.37
C ASP D 120 4.24 23.65 41.52
N VAL D 121 5.24 22.86 41.15
CA VAL D 121 6.29 23.25 40.23
C VAL D 121 6.53 22.01 39.39
N THR D 122 6.73 22.24 38.09
CA THR D 122 6.80 21.22 37.08
C THR D 122 8.05 21.49 36.29
N LEU D 123 8.87 20.45 36.12
CA LEU D 123 9.90 20.46 35.09
C LEU D 123 9.39 19.56 33.97
N GLU D 124 9.51 20.02 32.73
CA GLU D 124 8.89 19.36 31.59
C GLU D 124 9.56 19.75 30.27
N ARG D 125 9.91 18.73 29.49
CA ARG D 125 10.58 18.89 28.19
C ARG D 125 9.73 19.73 27.23
N ASP D 126 10.36 20.30 26.19
CA ASP D 126 9.59 20.93 25.11
C ASP D 126 8.65 19.88 24.44
N LEU D 127 7.56 20.32 23.81
CA LEU D 127 6.79 19.43 22.92
C LEU D 127 7.67 18.70 21.90
N SER D 128 8.70 19.35 21.40
CA SER D 128 9.57 18.79 20.36
C SER D 128 10.68 17.89 20.90
N GLY D 129 10.92 17.95 22.20
CA GLY D 129 12.09 17.30 22.80
C GLY D 129 12.00 15.80 23.09
N LYS D 130 13.16 15.16 23.21
CA LYS D 130 13.21 13.77 23.64
C LYS D 130 12.87 13.69 25.14
N MET D 131 12.68 12.46 25.64
CA MET D 131 12.58 12.23 27.08
C MET D 131 13.89 12.61 27.82
N VAL D 132 13.80 12.83 29.13
CA VAL D 132 15.00 13.22 29.87
C VAL D 132 15.24 12.37 31.09
N GLU D 133 16.53 12.09 31.37
CA GLU D 133 16.97 11.60 32.67
C GLU D 133 16.69 12.62 33.79
N ILE D 134 15.99 12.15 34.81
CA ILE D 134 15.69 12.95 35.98
C ILE D 134 16.13 12.27 37.26
N GLU D 135 16.88 13.03 38.08
CA GLU D 135 17.30 12.55 39.39
C GLU D 135 16.51 13.27 40.45
N VAL D 136 15.85 12.50 41.31
CA VAL D 136 15.14 13.06 42.46
C VAL D 136 15.87 12.67 43.74
N GLU D 137 16.30 13.65 44.51
CA GLU D 137 16.97 13.37 45.79
C GLU D 137 16.23 13.99 46.93
N VAL D 138 15.52 13.16 47.62
CA VAL D 138 14.79 13.63 48.80
C VAL D 138 15.82 13.88 49.91
N GLU D 139 15.61 14.95 50.67
CA GLU D 139 16.37 15.40 51.84
C GLU D 139 17.75 14.77 52.09
N HIS D 140 17.77 13.64 52.81
CA HIS D 140 18.97 12.88 53.22
C HIS D 140 19.29 11.63 52.45
N HIS D 141 18.33 11.16 51.70
CA HIS D 141 18.48 9.87 51.10
C HIS D 141 19.41 9.76 49.86
N SER D 142 19.36 8.57 49.24
CA SER D 142 20.05 8.31 47.96
C SER D 142 18.98 8.68 46.93
N SER D 143 19.31 8.65 45.67
CA SER D 143 18.43 9.17 44.63
C SER D 143 17.47 8.19 43.99
N MET D 144 16.31 8.71 43.57
CA MET D 144 15.43 7.99 42.67
C MET D 144 15.67 8.58 41.26
N TRP D 145 15.70 7.71 40.26
CA TRP D 145 15.94 8.05 38.86
C TRP D 145 14.80 7.68 37.92
N PHE D 146 14.50 8.57 36.98
CA PHE D 146 13.49 8.33 35.95
C PHE D 146 13.94 8.87 34.60
N PHE D 147 13.49 8.16 33.57
CA PHE D 147 13.53 8.62 32.19
C PHE D 147 12.06 8.94 31.79
N ALA D 148 11.78 10.21 31.50
CA ALA D 148 10.44 10.75 31.57
C ALA D 148 10.30 12.07 30.74
N ASP D 149 9.07 12.60 30.66
CA ASP D 149 8.81 13.95 30.17
C ASP D 149 9.19 15.02 31.18
N GLY D 150 9.19 14.62 32.46
CA GLY D 150 9.43 15.52 33.56
C GLY D 150 8.90 15.00 34.91
N VAL D 151 8.77 15.93 35.86
CA VAL D 151 8.32 15.65 37.21
C VAL D 151 7.49 16.84 37.72
N VAL D 152 6.50 16.56 38.56
CA VAL D 152 5.73 17.61 39.18
C VAL D 152 5.94 17.47 40.70
N ILE D 153 6.27 18.58 41.35
CA ILE D 153 6.34 18.57 42.82
C ILE D 153 5.21 19.43 43.37
N SER D 154 4.35 18.82 44.15
CA SER D 154 3.10 19.45 44.54
C SER D 154 2.88 19.51 46.04
N THR D 155 2.12 20.51 46.48
CA THR D 155 1.60 20.64 47.85
C THR D 155 0.30 19.88 47.87
N PRO D 156 -0.25 19.70 49.06
CA PRO D 156 -1.61 19.12 49.20
C PRO D 156 -2.69 19.84 48.37
N THR D 157 -2.61 21.16 48.34
CA THR D 157 -3.50 22.02 47.53
C THR D 157 -3.38 21.72 46.05
N GLY D 158 -2.13 21.68 45.55
CA GLY D 158 -1.84 21.38 44.15
C GLY D 158 -2.06 19.93 43.74
N SER D 159 -2.29 19.02 44.69
CA SER D 159 -2.50 17.59 44.36
C SER D 159 -3.69 17.33 43.45
N THR D 160 -4.60 18.29 43.36
CA THR D 160 -5.86 18.08 42.61
C THR D 160 -5.80 18.70 41.24
N ALA D 161 -4.69 19.34 40.95
CA ALA D 161 -4.53 20.04 39.69
C ALA D 161 -3.74 19.08 38.80
N TYR D 162 -2.68 19.57 38.16
CA TYR D 162 -1.89 18.72 37.25
C TYR D 162 -1.42 17.33 37.76
N SER D 163 -1.07 17.21 39.02
CA SER D 163 -0.62 15.89 39.54
C SER D 163 -1.70 14.80 39.42
N LEU D 164 -2.95 15.18 39.61
CA LEU D 164 -4.06 14.26 39.54
C LEU D 164 -4.35 13.86 38.10
N SER D 165 -4.24 14.78 37.15
CA SER D 165 -4.30 14.45 35.71
C SER D 165 -3.33 13.34 35.27
N ILE D 166 -2.23 13.16 35.99
CA ILE D 166 -1.18 12.24 35.56
C ILE D 166 -0.99 11.03 36.48
N GLY D 167 -1.95 10.79 37.38
CA GLY D 167 -1.91 9.58 38.20
C GLY D 167 -1.80 9.74 39.71
N GLY D 168 -1.57 10.97 40.17
CA GLY D 168 -1.30 11.19 41.57
C GLY D 168 -2.50 10.93 42.49
N PRO D 169 -2.27 10.77 43.78
CA PRO D 169 -3.38 10.63 44.73
C PRO D 169 -4.06 11.99 45.01
N ILE D 170 -5.32 11.96 45.45
CA ILE D 170 -5.99 13.14 46.05
C ILE D 170 -5.48 13.35 47.48
N ILE D 171 -4.78 14.44 47.72
CA ILE D 171 -4.25 14.63 49.04
C ILE D 171 -5.04 15.71 49.75
N PHE D 172 -5.59 15.42 50.93
CA PHE D 172 -6.42 16.38 51.67
C PHE D 172 -5.55 17.54 52.09
N PRO D 173 -6.08 18.75 52.08
CA PRO D 173 -5.25 19.96 52.28
C PRO D 173 -4.59 20.11 53.65
N GLU D 174 -5.03 19.37 54.66
CA GLU D 174 -4.39 19.45 55.96
C GLU D 174 -3.14 18.52 56.13
N CYS D 175 -2.84 17.64 55.16
CA CYS D 175 -1.72 16.72 55.33
C CYS D 175 -0.43 17.47 55.25
N GLU D 176 0.51 17.04 56.07
CA GLU D 176 1.80 17.66 56.15
C GLU D 176 2.78 16.91 55.27
N VAL D 177 2.53 16.97 53.97
CA VAL D 177 3.29 16.20 53.00
C VAL D 177 3.60 17.00 51.71
N LEU D 178 4.59 16.53 50.98
CA LEU D 178 4.82 16.93 49.60
C LEU D 178 4.67 15.70 48.71
N GLU D 179 4.36 15.95 47.45
CA GLU D 179 4.09 14.88 46.51
C GLU D 179 5.02 15.07 45.31
N ILE D 180 5.55 13.98 44.82
CA ILE D 180 6.44 13.97 43.69
C ILE D 180 5.81 13.03 42.67
N SER D 181 5.52 13.55 41.48
CA SER D 181 4.94 12.73 40.40
C SER D 181 5.73 12.90 39.12
N PRO D 182 6.25 11.79 38.60
CA PRO D 182 6.90 11.80 37.27
C PRO D 182 5.90 11.91 36.12
N ILE D 183 6.24 12.62 35.08
CA ILE D 183 5.36 12.72 33.94
C ILE D 183 5.76 11.74 32.88
N ALA D 184 4.88 10.78 32.64
CA ALA D 184 5.04 9.75 31.62
C ALA D 184 6.41 9.04 31.59
N PRO D 185 6.87 8.47 32.71
CA PRO D 185 8.14 7.78 32.71
C PRO D 185 8.12 6.45 31.96
N GLN D 186 9.28 5.88 31.58
CA GLN D 186 9.36 4.53 31.04
C GLN D 186 9.42 3.53 32.19
N PHE D 187 9.37 2.23 31.89
CA PHE D 187 9.21 1.14 32.85
C PHE D 187 8.05 1.31 33.84
N PHE D 188 7.00 2.02 33.43
CA PHE D 188 5.69 1.95 34.10
C PHE D 188 5.68 2.54 35.50
N LEU D 189 6.61 3.46 35.74
CA LEU D 189 6.75 4.10 37.04
C LEU D 189 5.74 5.24 37.27
N THR D 190 4.49 4.99 36.87
CA THR D 190 3.46 6.00 37.02
C THR D 190 2.83 5.91 38.42
N ARG D 191 3.63 6.23 39.42
CA ARG D 191 3.16 6.28 40.80
C ARG D 191 3.85 7.47 41.41
N SER D 192 3.13 8.15 42.28
CA SER D 192 3.72 9.25 42.96
C SER D 192 4.41 8.78 44.24
N VAL D 193 5.28 9.64 44.76
CA VAL D 193 5.96 9.45 46.00
C VAL D 193 5.47 10.54 46.96
N VAL D 194 5.10 10.15 48.18
CA VAL D 194 4.65 11.11 49.18
C VAL D 194 5.68 11.20 50.32
N ILE D 195 6.13 12.41 50.65
CA ILE D 195 7.16 12.61 51.66
C ILE D 195 6.69 13.65 52.70
N PRO D 196 7.25 13.68 53.93
CA PRO D 196 6.87 14.71 54.90
C PRO D 196 7.19 16.13 54.41
N SER D 197 6.39 17.10 54.85
CA SER D 197 6.48 18.48 54.42
C SER D 197 7.74 19.17 54.95
N ASN D 198 8.42 18.54 55.91
CA ASN D 198 9.68 19.07 56.42
C ASN D 198 10.92 18.54 55.67
N PHE D 199 10.73 17.75 54.62
CA PHE D 199 11.86 17.30 53.80
C PHE D 199 12.00 18.21 52.58
N LYS D 200 13.21 18.64 52.29
CA LYS D 200 13.52 19.29 51.04
C LYS D 200 13.68 18.27 49.90
N VAL D 201 13.45 18.72 48.67
CA VAL D 201 13.72 17.91 47.51
C VAL D 201 14.55 18.64 46.45
N VAL D 202 15.61 17.97 46.00
CA VAL D 202 16.41 18.44 44.89
C VAL D 202 16.10 17.62 43.64
N VAL D 203 15.88 18.33 42.52
CA VAL D 203 15.61 17.69 41.23
C VAL D 203 16.66 18.15 40.23
N GLU D 204 17.30 17.19 39.57
CA GLU D 204 18.35 17.45 38.56
C GLU D 204 17.94 16.75 37.27
N SER D 205 18.07 17.44 36.14
CA SER D 205 17.72 16.84 34.85
C SER D 205 18.94 16.83 33.98
N GLN D 206 19.04 15.83 33.09
CA GLN D 206 20.21 15.74 32.19
C GLN D 206 20.46 17.03 31.32
N ARG D 207 19.39 17.72 30.93
CA ARG D 207 19.54 19.02 30.26
C ARG D 207 18.48 20.02 30.74
N ASP D 208 18.72 21.29 30.46
CA ASP D 208 17.76 22.34 30.82
C ASP D 208 16.44 21.98 30.21
N ILE D 209 15.41 22.03 31.04
CA ILE D 209 14.06 21.80 30.57
C ILE D 209 13.17 22.86 31.17
N ASN D 210 11.94 22.98 30.67
CA ASN D 210 11.05 24.04 31.15
C ASN D 210 10.63 23.87 32.59
N MET D 211 10.47 25.01 33.25
CA MET D 211 10.00 25.11 34.61
C MET D 211 8.71 25.87 34.62
N LEU D 212 7.68 25.27 35.18
CA LEU D 212 6.43 25.97 35.40
C LEU D 212 6.13 26.18 36.89
N VAL D 213 5.77 27.38 37.29
CA VAL D 213 5.41 27.63 38.69
C VAL D 213 3.91 27.94 38.82
N ASP D 214 3.21 27.15 39.62
CA ASP D 214 1.76 27.29 39.70
C ASP D 214 1.15 27.44 38.30
N GLY D 215 1.69 26.69 37.33
CA GLY D 215 1.16 26.66 35.98
C GLY D 215 1.57 27.83 35.09
N VAL D 216 2.32 28.76 35.68
CA VAL D 216 2.89 29.88 34.91
C VAL D 216 4.29 29.45 34.51
N LEU D 217 4.60 29.51 33.23
CA LEU D 217 5.93 29.16 32.76
C LEU D 217 6.91 30.24 33.26
N THR D 218 8.12 29.80 33.68
CA THR D 218 9.15 30.70 34.22
C THR D 218 10.54 30.63 33.55
N GLY D 219 10.74 29.70 32.62
CA GLY D 219 12.05 29.56 32.00
C GLY D 219 12.64 28.17 32.06
N LYS D 220 13.92 28.09 31.75
CA LYS D 220 14.60 26.81 31.62
C LYS D 220 15.55 26.59 32.80
N THR D 221 15.48 25.40 33.39
CA THR D 221 16.41 25.04 34.43
C THR D 221 16.80 23.57 34.41
N LYS D 222 17.94 23.28 35.04
CA LYS D 222 18.52 21.94 35.09
C LYS D 222 18.56 21.41 36.54
N ARG D 223 18.25 22.28 37.49
CA ARG D 223 18.41 21.95 38.91
C ARG D 223 17.46 22.83 39.70
N ILE D 224 16.68 22.20 40.58
CA ILE D 224 15.85 22.94 41.54
C ILE D 224 15.96 22.36 42.96
N GLU D 225 15.80 23.23 43.95
CA GLU D 225 15.65 22.83 45.35
C GLU D 225 14.25 23.29 45.80
N VAL D 226 13.44 22.34 46.25
CA VAL D 226 12.11 22.68 46.74
C VAL D 226 12.05 22.39 48.23
N LYS D 227 11.46 23.31 48.99
CA LYS D 227 11.09 23.05 50.38
C LYS D 227 9.86 23.86 50.76
N LYS D 228 9.29 23.53 51.91
CA LYS D 228 8.11 24.21 52.44
C LYS D 228 8.52 25.60 52.96
N SER D 229 7.79 26.64 52.53
CA SER D 229 8.05 27.98 53.05
C SER D 229 7.36 28.20 54.41
N ARG D 230 7.82 29.22 55.12
CA ARG D 230 7.16 29.65 56.35
C ARG D 230 5.94 30.52 56.02
N ARG D 231 5.91 31.03 54.79
CA ARG D 231 4.84 31.88 54.32
C ARG D 231 3.61 31.07 54.13
N TYR D 232 2.46 31.69 54.35
CA TYR D 232 1.17 31.05 54.15
C TYR D 232 0.09 32.09 53.84
N VAL D 233 -1.02 31.63 53.27
CA VAL D 233 -2.19 32.46 53.06
C VAL D 233 -3.26 31.92 53.99
N ARG D 234 -4.17 32.79 54.43
CA ARG D 234 -5.33 32.34 55.19
C ARG D 234 -6.60 32.58 54.42
N ILE D 235 -7.49 31.59 54.46
CA ILE D 235 -8.70 31.59 53.65
C ILE D 235 -9.91 31.42 54.56
N LEU D 236 -10.89 32.28 54.36
CA LEU D 236 -12.11 32.26 55.15
C LEU D 236 -13.10 31.36 54.44
N ARG D 237 -13.73 30.49 55.22
CA ARG D 237 -14.75 29.56 54.70
C ARG D 237 -16.00 29.70 55.53
N PRO D 238 -17.15 29.54 54.88
CA PRO D 238 -18.43 29.49 55.61
C PRO D 238 -18.44 28.15 56.37
N PRO D 239 -19.08 28.03 57.54
CA PRO D 239 -19.04 26.81 58.34
C PRO D 239 -19.52 25.57 57.60
N GLU D 240 -20.39 25.77 56.60
CA GLU D 240 -21.01 24.70 55.82
C GLU D 240 -20.12 24.21 54.67
N TYR D 241 -19.03 24.91 54.40
CA TYR D 241 -18.11 24.49 53.33
C TYR D 241 -17.57 23.09 53.60
N ASP D 242 -17.71 22.23 52.59
CA ASP D 242 -17.17 20.89 52.68
C ASP D 242 -16.38 20.61 51.41
N TYR D 243 -15.11 20.36 51.64
CA TYR D 243 -14.11 20.03 50.62
C TYR D 243 -14.45 18.74 49.80
N VAL D 244 -15.14 17.78 50.42
CA VAL D 244 -15.42 16.51 49.79
C VAL D 244 -16.53 16.63 48.76
N THR D 245 -17.55 17.44 49.07
CA THR D 245 -18.56 17.89 48.10
C THR D 245 -17.86 18.42 46.82
N VAL D 246 -16.75 19.15 46.99
CA VAL D 246 -16.01 19.64 45.82
C VAL D 246 -15.30 18.50 45.06
N ILE D 247 -14.72 17.54 45.78
CA ILE D 247 -14.04 16.42 45.15
C ILE D 247 -15.06 15.68 44.28
N ARG D 248 -16.26 15.52 44.81
CA ARG D 248 -17.32 14.88 44.06
C ARG D 248 -17.74 15.78 42.89
N ASP D 249 -18.09 17.03 43.21
CA ASP D 249 -18.70 17.93 42.23
C ASP D 249 -17.76 18.37 41.11
N LYS D 250 -16.53 18.78 41.45
CA LYS D 250 -15.57 19.29 40.48
C LYS D 250 -14.64 18.21 39.87
N LEU D 251 -14.06 17.36 40.71
CA LEU D 251 -13.15 16.28 40.26
C LEU D 251 -13.90 15.11 39.63
N GLY D 252 -15.06 14.77 40.18
CA GLY D 252 -15.85 13.65 39.65
C GLY D 252 -15.57 12.41 40.46
N TYR D 253 -14.82 12.58 41.55
CA TYR D 253 -14.39 11.42 42.31
C TYR D 253 -15.38 11.11 43.46
N GLY D 254 -15.94 9.91 43.45
CA GLY D 254 -16.81 9.46 44.53
C GLY D 254 -18.28 9.87 44.56
N ARG D 255 -18.93 9.99 43.39
CA ARG D 255 -20.35 10.35 43.30
C ARG D 255 -21.11 9.07 43.51
N ARG D 256 -22.29 9.14 44.12
CA ARG D 256 -23.11 7.94 44.32
C ARG D 256 -23.78 7.42 43.06
#